data_2N2Q
#
_entry.id   2N2Q
#
_entity_poly.entity_id   1
_entity_poly.type   'polypeptide(L)'
_entity_poly.pdbx_seq_one_letter_code
;DGVKLCDVPSGTWSGHCGSSSKCSQQCKDREHFAYGGACHYQFPSVKCFCKRQC
;
_entity_poly.pdbx_strand_id   A
#
# COMPACT_ATOMS: atom_id res chain seq x y z
N ASP A 1 -20.29 0.64 -0.88
CA ASP A 1 -20.42 0.56 -2.34
C ASP A 1 -19.09 0.78 -3.00
N GLY A 2 -18.58 1.98 -2.88
CA GLY A 2 -17.32 2.30 -3.48
C GLY A 2 -16.61 3.38 -2.73
N VAL A 3 -16.03 3.01 -1.60
CA VAL A 3 -15.27 3.96 -0.80
C VAL A 3 -14.02 4.38 -1.58
N LYS A 4 -13.73 5.65 -1.57
CA LYS A 4 -12.65 6.16 -2.38
C LYS A 4 -11.34 6.05 -1.63
N LEU A 5 -10.50 5.15 -2.07
CA LEU A 5 -9.24 4.95 -1.42
C LEU A 5 -8.13 5.45 -2.30
N CYS A 6 -7.18 6.06 -1.70
CA CYS A 6 -6.07 6.62 -2.42
C CYS A 6 -4.83 5.82 -2.10
N ASP A 7 -4.18 5.33 -3.13
CA ASP A 7 -2.96 4.54 -3.00
C ASP A 7 -1.80 5.48 -2.81
N VAL A 8 -1.28 5.52 -1.61
CA VAL A 8 -0.19 6.41 -1.27
C VAL A 8 1.11 5.61 -1.13
N PRO A 9 2.22 6.15 -1.64
CA PRO A 9 3.52 5.46 -1.60
C PRO A 9 4.05 5.32 -0.19
N SER A 10 4.67 4.20 0.07
CA SER A 10 5.22 3.92 1.36
C SER A 10 6.69 4.37 1.43
N GLY A 11 7.08 4.85 2.58
CA GLY A 11 8.46 5.20 2.81
C GLY A 11 9.15 4.09 3.58
N THR A 12 8.34 3.28 4.22
CA THR A 12 8.78 2.14 4.96
C THR A 12 9.18 1.00 4.03
N TRP A 13 8.27 0.62 3.15
CA TRP A 13 8.51 -0.43 2.21
C TRP A 13 9.33 0.14 1.04
N SER A 14 10.31 -0.59 0.62
CA SER A 14 11.13 -0.22 -0.50
C SER A 14 11.55 -1.48 -1.25
N GLY A 15 11.91 -1.33 -2.49
CA GLY A 15 12.36 -2.46 -3.27
C GLY A 15 11.26 -2.97 -4.18
N HIS A 16 10.70 -4.09 -3.83
CA HIS A 16 9.68 -4.73 -4.62
C HIS A 16 8.54 -5.20 -3.72
N CYS A 17 7.33 -5.11 -4.23
CA CYS A 17 6.15 -5.58 -3.55
C CYS A 17 5.65 -6.82 -4.28
N GLY A 18 5.88 -7.98 -3.71
CA GLY A 18 5.47 -9.20 -4.36
C GLY A 18 4.20 -9.76 -3.75
N SER A 19 3.91 -9.35 -2.54
CA SER A 19 2.73 -9.82 -1.86
C SER A 19 1.90 -8.65 -1.36
N SER A 20 0.71 -8.52 -1.90
CA SER A 20 -0.17 -7.46 -1.54
C SER A 20 -0.77 -7.69 -0.15
N SER A 21 -0.79 -8.94 0.28
CA SER A 21 -1.27 -9.29 1.59
C SER A 21 -0.31 -8.77 2.67
N LYS A 22 0.97 -8.88 2.41
CA LYS A 22 1.97 -8.39 3.35
C LYS A 22 2.10 -6.89 3.23
N CYS A 23 1.92 -6.39 2.01
CA CYS A 23 1.87 -4.94 1.77
C CYS A 23 0.76 -4.31 2.61
N SER A 24 -0.44 -4.89 2.51
CA SER A 24 -1.58 -4.41 3.25
C SER A 24 -1.37 -4.56 4.75
N GLN A 25 -0.79 -5.70 5.17
CA GLN A 25 -0.49 -5.92 6.58
C GLN A 25 0.48 -4.85 7.05
N GLN A 26 1.49 -4.57 6.25
CA GLN A 26 2.48 -3.56 6.56
C GLN A 26 1.81 -2.21 6.78
N CYS A 27 0.94 -1.82 5.89
CA CYS A 27 0.26 -0.54 5.99
C CYS A 27 -0.62 -0.44 7.24
N LYS A 28 -1.33 -1.53 7.56
CA LYS A 28 -2.21 -1.56 8.76
C LYS A 28 -1.39 -1.64 10.03
N ASP A 29 -0.25 -2.27 9.94
CA ASP A 29 0.64 -2.45 11.08
C ASP A 29 1.43 -1.20 11.37
N ARG A 30 1.99 -0.63 10.34
CA ARG A 30 2.82 0.55 10.47
C ARG A 30 2.01 1.80 10.76
N GLU A 31 0.94 1.99 10.02
CA GLU A 31 0.17 3.19 10.17
C GLU A 31 -1.31 2.88 10.29
N HIS A 32 -2.12 3.90 10.17
CA HIS A 32 -3.55 3.80 10.41
C HIS A 32 -4.31 3.47 9.11
N PHE A 33 -3.64 2.81 8.18
CA PHE A 33 -4.26 2.49 6.92
C PHE A 33 -4.96 1.16 7.03
N ALA A 34 -6.14 1.20 7.63
CA ALA A 34 -6.95 0.01 7.87
C ALA A 34 -7.40 -0.67 6.58
N TYR A 35 -7.35 0.06 5.48
CA TYR A 35 -7.75 -0.48 4.19
C TYR A 35 -6.60 -1.22 3.54
N GLY A 36 -5.46 -1.22 4.20
CA GLY A 36 -4.33 -1.96 3.72
C GLY A 36 -3.55 -1.23 2.68
N GLY A 37 -3.28 -1.94 1.61
CA GLY A 37 -2.46 -1.43 0.56
C GLY A 37 -2.36 -2.46 -0.52
N ALA A 38 -1.76 -2.09 -1.61
CA ALA A 38 -1.62 -2.98 -2.74
C ALA A 38 -0.28 -2.74 -3.40
N CYS A 39 0.14 -3.66 -4.21
CA CYS A 39 1.38 -3.53 -4.92
C CYS A 39 1.10 -2.79 -6.22
N HIS A 40 1.64 -1.62 -6.35
CA HIS A 40 1.38 -0.76 -7.49
C HIS A 40 2.70 -0.49 -8.19
N TYR A 41 2.66 -0.48 -9.51
CA TYR A 41 3.85 -0.29 -10.29
C TYR A 41 4.20 1.18 -10.37
N GLN A 42 5.41 1.46 -10.06
CA GLN A 42 5.97 2.77 -10.13
C GLN A 42 7.34 2.57 -10.71
N PHE A 43 7.98 3.61 -11.13
CA PHE A 43 9.32 3.47 -11.60
C PHE A 43 10.24 3.36 -10.38
N PRO A 44 11.18 2.41 -10.36
CA PRO A 44 11.40 1.44 -11.42
C PRO A 44 10.81 0.02 -11.14
N SER A 45 10.11 -0.15 -10.04
CA SER A 45 9.59 -1.47 -9.69
C SER A 45 8.22 -1.38 -8.99
N VAL A 46 7.57 -2.52 -8.86
CA VAL A 46 6.31 -2.62 -8.16
C VAL A 46 6.56 -2.35 -6.67
N LYS A 47 5.95 -1.33 -6.15
CA LYS A 47 6.15 -0.94 -4.78
C LYS A 47 4.82 -1.01 -4.03
N CYS A 48 4.89 -1.04 -2.72
CA CYS A 48 3.70 -1.13 -1.87
C CYS A 48 3.09 0.25 -1.69
N PHE A 49 1.82 0.36 -2.00
CA PHE A 49 1.09 1.60 -1.83
C PHE A 49 -0.07 1.35 -0.90
N CYS A 50 -0.12 2.13 0.15
CA CYS A 50 -1.13 1.99 1.19
C CYS A 50 -2.40 2.69 0.78
N LYS A 51 -3.53 2.09 1.10
CA LYS A 51 -4.81 2.66 0.75
C LYS A 51 -5.38 3.43 1.90
N ARG A 52 -5.39 4.73 1.77
CA ARG A 52 -6.05 5.56 2.74
C ARG A 52 -7.39 5.92 2.21
N GLN A 53 -8.26 6.33 3.05
CA GLN A 53 -9.54 6.71 2.60
C GLN A 53 -9.51 8.19 2.29
N CYS A 54 -10.09 8.56 1.23
CA CYS A 54 -10.20 9.93 0.88
C CYS A 54 -11.63 10.32 0.94
N ASP A 1 -16.44 2.92 -7.44
CA ASP A 1 -17.53 3.52 -6.68
C ASP A 1 -17.43 3.03 -5.24
N GLY A 2 -18.33 3.50 -4.40
CA GLY A 2 -18.30 3.12 -3.01
C GLY A 2 -17.32 4.00 -2.29
N VAL A 3 -16.49 3.40 -1.48
CA VAL A 3 -15.47 4.14 -0.83
C VAL A 3 -14.26 4.25 -1.75
N LYS A 4 -13.73 5.43 -1.86
CA LYS A 4 -12.57 5.66 -2.66
C LYS A 4 -11.35 5.58 -1.80
N LEU A 5 -10.33 4.99 -2.31
CA LEU A 5 -9.15 4.83 -1.54
C LEU A 5 -8.02 5.56 -2.22
N CYS A 6 -7.21 6.16 -1.45
CA CYS A 6 -6.05 6.85 -1.94
C CYS A 6 -4.86 5.99 -1.65
N ASP A 7 -4.16 5.63 -2.67
CA ASP A 7 -3.02 4.75 -2.56
C ASP A 7 -1.78 5.58 -2.38
N VAL A 8 -1.27 5.60 -1.18
CA VAL A 8 -0.10 6.39 -0.89
C VAL A 8 1.14 5.51 -0.86
N PRO A 9 2.23 5.94 -1.49
CA PRO A 9 3.46 5.15 -1.55
C PRO A 9 4.06 4.90 -0.17
N SER A 10 4.18 3.65 0.19
CA SER A 10 4.76 3.31 1.46
C SER A 10 6.27 3.39 1.36
N GLY A 11 6.84 4.30 2.12
CA GLY A 11 8.27 4.52 2.11
C GLY A 11 9.02 3.39 2.77
N THR A 12 8.36 2.71 3.68
CA THR A 12 8.95 1.60 4.38
C THR A 12 9.07 0.35 3.51
N TRP A 13 8.48 0.39 2.34
CA TRP A 13 8.61 -0.69 1.42
C TRP A 13 9.65 -0.33 0.38
N SER A 14 10.64 -1.16 0.24
CA SER A 14 11.67 -0.96 -0.71
C SER A 14 11.74 -2.23 -1.56
N GLY A 15 11.97 -2.06 -2.84
CA GLY A 15 12.06 -3.18 -3.73
C GLY A 15 10.72 -3.53 -4.34
N HIS A 16 10.62 -4.70 -4.90
CA HIS A 16 9.41 -5.21 -5.52
C HIS A 16 8.37 -5.56 -4.46
N CYS A 17 7.12 -5.36 -4.77
CA CYS A 17 6.03 -5.70 -3.90
C CYS A 17 5.30 -6.87 -4.51
N GLY A 18 5.58 -8.06 -4.01
CA GLY A 18 4.93 -9.23 -4.53
C GLY A 18 3.84 -9.71 -3.61
N SER A 19 4.16 -9.78 -2.35
CA SER A 19 3.22 -10.21 -1.37
C SER A 19 2.34 -9.05 -0.95
N SER A 20 1.13 -9.05 -1.48
CA SER A 20 0.17 -8.02 -1.21
C SER A 20 -0.23 -8.02 0.27
N SER A 21 -0.20 -9.19 0.89
CA SER A 21 -0.57 -9.33 2.28
C SER A 21 0.52 -8.76 3.21
N LYS A 22 1.78 -8.75 2.74
CA LYS A 22 2.85 -8.15 3.52
C LYS A 22 2.74 -6.64 3.43
N CYS A 23 2.30 -6.19 2.28
CA CYS A 23 2.05 -4.79 2.00
C CYS A 23 0.91 -4.27 2.88
N SER A 24 -0.19 -5.01 2.93
CA SER A 24 -1.30 -4.63 3.75
C SER A 24 -0.93 -4.66 5.22
N GLN A 25 -0.16 -5.68 5.63
CA GLN A 25 0.30 -5.77 7.00
C GLN A 25 1.17 -4.57 7.34
N GLN A 26 2.07 -4.22 6.41
CA GLN A 26 2.98 -3.09 6.59
C GLN A 26 2.21 -1.81 6.79
N CYS A 27 1.30 -1.52 5.90
CA CYS A 27 0.52 -0.31 5.98
C CYS A 27 -0.40 -0.27 7.20
N LYS A 28 -0.91 -1.41 7.64
CA LYS A 28 -1.73 -1.45 8.85
C LYS A 28 -0.86 -1.23 10.08
N ASP A 29 0.37 -1.66 10.01
CA ASP A 29 1.31 -1.50 11.12
C ASP A 29 1.92 -0.10 11.15
N ARG A 30 2.40 0.34 10.01
CA ARG A 30 3.04 1.64 9.90
C ARG A 30 2.02 2.77 10.00
N GLU A 31 0.95 2.65 9.27
CA GLU A 31 -0.04 3.68 9.25
C GLU A 31 -1.23 3.23 10.11
N HIS A 32 -2.32 3.94 10.00
CA HIS A 32 -3.53 3.63 10.77
C HIS A 32 -4.63 3.20 9.81
N PHE A 33 -4.25 2.72 8.64
CA PHE A 33 -5.21 2.46 7.60
C PHE A 33 -5.67 1.02 7.63
N ALA A 34 -6.95 0.85 7.90
CA ALA A 34 -7.58 -0.45 8.03
C ALA A 34 -7.53 -1.21 6.72
N TYR A 35 -7.58 -0.48 5.62
CA TYR A 35 -7.53 -1.05 4.29
C TYR A 35 -6.15 -1.59 3.96
N GLY A 36 -5.15 -1.22 4.74
CA GLY A 36 -3.82 -1.71 4.54
C GLY A 36 -3.16 -1.14 3.32
N GLY A 37 -2.75 -1.99 2.43
CA GLY A 37 -2.04 -1.57 1.27
C GLY A 37 -2.03 -2.65 0.24
N ALA A 38 -1.76 -2.28 -0.98
CA ALA A 38 -1.68 -3.21 -2.09
C ALA A 38 -0.51 -2.82 -2.98
N CYS A 39 -0.08 -3.75 -3.79
CA CYS A 39 1.07 -3.53 -4.64
C CYS A 39 0.65 -2.95 -5.99
N HIS A 40 1.28 -1.86 -6.38
CA HIS A 40 0.99 -1.17 -7.64
C HIS A 40 2.31 -0.71 -8.26
N TYR A 41 2.36 -0.61 -9.57
CA TYR A 41 3.57 -0.19 -10.25
C TYR A 41 3.72 1.32 -10.25
N GLN A 42 4.91 1.75 -10.02
CA GLN A 42 5.28 3.12 -10.08
C GLN A 42 6.74 3.10 -10.46
N PHE A 43 7.29 4.19 -10.87
CA PHE A 43 8.68 4.23 -11.19
C PHE A 43 9.50 4.03 -9.90
N PRO A 44 10.48 3.11 -9.87
CA PRO A 44 10.85 2.23 -10.98
C PRO A 44 10.52 0.74 -10.73
N SER A 45 9.58 0.46 -9.86
CA SER A 45 9.29 -0.91 -9.47
C SER A 45 7.88 -0.99 -8.86
N VAL A 46 7.36 -2.20 -8.75
CA VAL A 46 6.08 -2.43 -8.11
C VAL A 46 6.26 -2.16 -6.63
N LYS A 47 5.57 -1.19 -6.13
CA LYS A 47 5.76 -0.74 -4.80
C LYS A 47 4.48 -0.97 -3.98
N CYS A 48 4.59 -0.85 -2.69
CA CYS A 48 3.48 -1.01 -1.78
C CYS A 48 2.82 0.33 -1.59
N PHE A 49 1.54 0.39 -1.76
CA PHE A 49 0.81 1.61 -1.59
C PHE A 49 -0.30 1.40 -0.59
N CYS A 50 -0.21 2.15 0.48
CA CYS A 50 -1.16 2.10 1.55
C CYS A 50 -2.45 2.71 1.09
N LYS A 51 -3.51 1.98 1.23
CA LYS A 51 -4.79 2.40 0.76
C LYS A 51 -5.56 3.05 1.89
N ARG A 52 -5.64 4.34 1.85
CA ARG A 52 -6.37 5.06 2.85
C ARG A 52 -7.75 5.38 2.33
N GLN A 53 -8.70 5.40 3.22
CA GLN A 53 -10.06 5.67 2.85
C GLN A 53 -10.28 7.16 2.68
N CYS A 54 -10.71 7.54 1.51
CA CYS A 54 -10.94 8.90 1.19
C CYS A 54 -12.41 9.09 0.86
N ASP A 1 -21.84 3.35 -1.75
CA ASP A 1 -21.76 3.71 -3.17
C ASP A 1 -20.48 3.21 -3.77
N GLY A 2 -19.38 3.77 -3.36
CA GLY A 2 -18.12 3.38 -3.87
C GLY A 2 -17.02 4.13 -3.18
N VAL A 3 -16.33 3.46 -2.32
CA VAL A 3 -15.21 4.03 -1.63
C VAL A 3 -13.99 3.97 -2.53
N LYS A 4 -13.40 5.11 -2.79
CA LYS A 4 -12.22 5.15 -3.61
C LYS A 4 -11.03 5.06 -2.69
N LEU A 5 -9.97 4.47 -3.14
CA LEU A 5 -8.81 4.39 -2.31
C LEU A 5 -7.70 5.10 -3.01
N CYS A 6 -7.03 5.90 -2.27
CA CYS A 6 -5.95 6.66 -2.82
C CYS A 6 -4.63 6.06 -2.37
N ASP A 7 -3.67 6.04 -3.27
CA ASP A 7 -2.36 5.45 -3.03
C ASP A 7 -1.50 6.37 -2.23
N VAL A 8 -1.05 5.88 -1.12
CA VAL A 8 -0.12 6.59 -0.28
C VAL A 8 1.15 5.76 -0.21
N PRO A 9 2.29 6.28 -0.71
CA PRO A 9 3.58 5.54 -0.69
C PRO A 9 3.89 4.97 0.69
N SER A 10 4.29 3.72 0.71
CA SER A 10 4.59 3.06 1.93
C SER A 10 5.99 3.46 2.39
N GLY A 11 6.05 4.28 3.41
CA GLY A 11 7.31 4.73 3.95
C GLY A 11 7.97 3.69 4.84
N THR A 12 8.07 2.49 4.32
CA THR A 12 8.67 1.37 4.99
C THR A 12 9.22 0.41 3.93
N TRP A 13 8.32 -0.05 3.06
CA TRP A 13 8.63 -1.01 2.04
C TRP A 13 9.63 -0.43 1.05
N SER A 14 10.72 -1.11 0.88
CA SER A 14 11.74 -0.69 -0.04
C SER A 14 12.05 -1.83 -1.02
N GLY A 15 11.94 -1.52 -2.29
CA GLY A 15 12.17 -2.52 -3.30
C GLY A 15 10.88 -2.86 -4.00
N HIS A 16 10.82 -4.05 -4.54
CA HIS A 16 9.68 -4.53 -5.29
C HIS A 16 8.62 -5.07 -4.33
N CYS A 17 7.38 -4.80 -4.63
CA CYS A 17 6.28 -5.28 -3.83
C CYS A 17 5.73 -6.53 -4.49
N GLY A 18 6.11 -7.68 -3.98
CA GLY A 18 5.62 -8.91 -4.55
C GLY A 18 4.69 -9.63 -3.61
N SER A 19 4.34 -8.98 -2.54
CA SER A 19 3.47 -9.55 -1.56
C SER A 19 2.42 -8.53 -1.14
N SER A 20 1.23 -8.68 -1.66
CA SER A 20 0.14 -7.77 -1.40
C SER A 20 -0.30 -7.92 0.06
N SER A 21 -0.16 -9.14 0.56
CA SER A 21 -0.56 -9.47 1.91
C SER A 21 0.39 -8.81 2.91
N LYS A 22 1.67 -8.82 2.61
CA LYS A 22 2.63 -8.21 3.51
C LYS A 22 2.63 -6.71 3.37
N CYS A 23 2.39 -6.21 2.16
CA CYS A 23 2.28 -4.77 1.90
C CYS A 23 1.19 -4.17 2.79
N SER A 24 0.02 -4.81 2.77
CA SER A 24 -1.08 -4.35 3.56
C SER A 24 -0.81 -4.53 5.05
N GLN A 25 -0.34 -5.73 5.42
CA GLN A 25 0.00 -6.06 6.81
C GLN A 25 0.95 -5.04 7.41
N GLN A 26 2.04 -4.80 6.71
CA GLN A 26 3.08 -3.89 7.13
C GLN A 26 2.53 -2.48 7.25
N CYS A 27 1.69 -2.09 6.32
CA CYS A 27 1.12 -0.76 6.37
C CYS A 27 0.10 -0.62 7.51
N LYS A 28 -0.67 -1.68 7.75
CA LYS A 28 -1.65 -1.69 8.85
C LYS A 28 -0.94 -1.69 10.20
N ASP A 29 0.26 -2.21 10.19
CA ASP A 29 1.10 -2.28 11.38
C ASP A 29 1.89 -0.99 11.63
N ARG A 30 2.58 -0.52 10.62
CA ARG A 30 3.47 0.64 10.73
C ARG A 30 2.71 1.96 10.63
N GLU A 31 1.83 2.03 9.67
CA GLU A 31 1.06 3.22 9.40
C GLU A 31 -0.32 3.07 10.02
N HIS A 32 -1.24 3.93 9.66
CA HIS A 32 -2.59 3.81 10.14
C HIS A 32 -3.56 3.84 8.97
N PHE A 33 -3.66 2.72 8.30
CA PHE A 33 -4.56 2.57 7.18
C PHE A 33 -5.32 1.27 7.31
N ALA A 34 -6.62 1.40 7.48
CA ALA A 34 -7.51 0.27 7.68
C ALA A 34 -7.49 -0.67 6.49
N TYR A 35 -7.38 -0.09 5.31
CA TYR A 35 -7.35 -0.86 4.08
C TYR A 35 -5.96 -1.45 3.83
N GLY A 36 -5.00 -1.01 4.61
CA GLY A 36 -3.66 -1.46 4.45
C GLY A 36 -3.01 -0.90 3.21
N GLY A 37 -2.78 -1.75 2.26
CA GLY A 37 -2.12 -1.35 1.06
C GLY A 37 -2.13 -2.44 0.06
N ALA A 38 -1.56 -2.18 -1.08
CA ALA A 38 -1.47 -3.14 -2.15
C ALA A 38 -0.26 -2.81 -3.00
N CYS A 39 0.14 -3.74 -3.81
CA CYS A 39 1.28 -3.56 -4.67
C CYS A 39 0.80 -3.01 -6.02
N HIS A 40 1.30 -1.88 -6.41
CA HIS A 40 0.91 -1.28 -7.67
C HIS A 40 2.15 -0.70 -8.35
N TYR A 41 2.18 -0.70 -9.66
CA TYR A 41 3.33 -0.22 -10.40
C TYR A 41 3.35 1.28 -10.46
N GLN A 42 4.49 1.83 -10.20
CA GLN A 42 4.71 3.25 -10.32
C GLN A 42 6.04 3.49 -10.95
N PHE A 43 7.02 3.32 -10.17
CA PHE A 43 8.39 3.50 -10.55
C PHE A 43 9.25 3.09 -9.36
N PRO A 44 10.35 2.35 -9.57
CA PRO A 44 10.75 1.83 -10.88
C PRO A 44 10.22 0.41 -11.11
N SER A 45 9.38 -0.02 -10.20
CA SER A 45 8.85 -1.34 -10.21
C SER A 45 7.52 -1.29 -9.45
N VAL A 46 6.86 -2.43 -9.33
CA VAL A 46 5.67 -2.55 -8.53
C VAL A 46 6.05 -2.23 -7.07
N LYS A 47 5.40 -1.24 -6.52
CA LYS A 47 5.75 -0.75 -5.21
C LYS A 47 4.55 -0.91 -4.27
N CYS A 48 4.77 -0.81 -2.98
CA CYS A 48 3.74 -0.96 -1.98
C CYS A 48 3.10 0.39 -1.71
N PHE A 49 1.82 0.46 -1.93
CA PHE A 49 1.08 1.68 -1.69
C PHE A 49 -0.02 1.42 -0.74
N CYS A 50 -0.09 2.22 0.27
CA CYS A 50 -1.12 2.14 1.26
C CYS A 50 -2.38 2.71 0.69
N LYS A 51 -3.49 2.12 1.04
CA LYS A 51 -4.75 2.53 0.50
C LYS A 51 -5.50 3.35 1.51
N ARG A 52 -5.67 4.60 1.22
CA ARG A 52 -6.42 5.45 2.10
C ARG A 52 -7.84 5.62 1.60
N GLN A 53 -8.76 5.77 2.51
CA GLN A 53 -10.15 5.89 2.20
C GLN A 53 -10.46 7.28 1.66
N CYS A 54 -10.94 7.33 0.46
CA CYS A 54 -11.30 8.58 -0.15
C CYS A 54 -12.77 8.56 -0.49
N ASP A 1 -16.10 2.51 -6.79
CA ASP A 1 -15.90 1.69 -5.60
C ASP A 1 -16.61 2.38 -4.46
N GLY A 2 -16.84 1.67 -3.37
CA GLY A 2 -17.56 2.23 -2.24
C GLY A 2 -16.84 3.42 -1.64
N VAL A 3 -15.54 3.30 -1.50
CA VAL A 3 -14.73 4.34 -0.92
C VAL A 3 -13.67 4.80 -1.92
N LYS A 4 -13.22 6.02 -1.83
CA LYS A 4 -12.14 6.48 -2.66
C LYS A 4 -10.85 6.28 -1.90
N LEU A 5 -10.04 5.37 -2.36
CA LEU A 5 -8.81 5.11 -1.69
C LEU A 5 -7.69 5.71 -2.46
N CYS A 6 -6.83 6.35 -1.77
CA CYS A 6 -5.69 6.96 -2.37
C CYS A 6 -4.48 6.11 -2.10
N ASP A 7 -3.74 5.84 -3.12
CA ASP A 7 -2.56 5.02 -3.06
C ASP A 7 -1.40 5.84 -2.53
N VAL A 8 -1.08 5.64 -1.29
CA VAL A 8 -0.01 6.35 -0.64
C VAL A 8 1.26 5.52 -0.77
N PRO A 9 2.29 6.05 -1.45
CA PRO A 9 3.53 5.33 -1.66
C PRO A 9 4.21 5.00 -0.35
N SER A 10 4.34 3.73 -0.07
CA SER A 10 4.95 3.30 1.15
C SER A 10 6.42 3.57 1.11
N GLY A 11 6.87 4.38 2.05
CA GLY A 11 8.27 4.67 2.16
C GLY A 11 8.93 3.66 3.05
N THR A 12 8.10 2.96 3.79
CA THR A 12 8.56 1.94 4.68
C THR A 12 8.86 0.64 3.94
N TRP A 13 8.17 0.44 2.83
CA TRP A 13 8.43 -0.68 1.98
C TRP A 13 9.55 -0.27 1.04
N SER A 14 10.57 -1.06 0.95
CA SER A 14 11.69 -0.73 0.13
C SER A 14 11.67 -1.50 -1.20
N GLY A 15 11.46 -0.79 -2.28
CA GLY A 15 11.54 -1.40 -3.59
C GLY A 15 10.29 -2.12 -4.02
N HIS A 16 10.50 -3.24 -4.69
CA HIS A 16 9.45 -4.06 -5.29
C HIS A 16 8.52 -4.67 -4.24
N CYS A 17 7.25 -4.61 -4.51
CA CYS A 17 6.23 -5.16 -3.66
C CYS A 17 5.85 -6.54 -4.18
N GLY A 18 6.33 -7.57 -3.52
CA GLY A 18 6.03 -8.90 -3.95
C GLY A 18 5.11 -9.64 -2.99
N SER A 19 4.34 -8.88 -2.22
CA SER A 19 3.42 -9.46 -1.28
C SER A 19 2.32 -8.48 -0.96
N SER A 20 1.13 -8.74 -1.48
CA SER A 20 -0.02 -7.92 -1.23
C SER A 20 -0.37 -7.95 0.27
N SER A 21 -0.24 -9.14 0.84
CA SER A 21 -0.58 -9.38 2.23
C SER A 21 0.39 -8.66 3.18
N LYS A 22 1.67 -8.64 2.86
CA LYS A 22 2.63 -7.93 3.69
C LYS A 22 2.58 -6.43 3.48
N CYS A 23 2.23 -6.03 2.27
CA CYS A 23 2.06 -4.60 1.96
C CYS A 23 0.92 -4.03 2.80
N SER A 24 -0.20 -4.73 2.79
CA SER A 24 -1.33 -4.34 3.55
C SER A 24 -1.07 -4.42 5.05
N GLN A 25 -0.45 -5.52 5.49
CA GLN A 25 -0.13 -5.72 6.88
C GLN A 25 0.77 -4.60 7.40
N GLN A 26 1.77 -4.22 6.61
CA GLN A 26 2.72 -3.17 7.01
C GLN A 26 2.00 -1.88 7.44
N CYS A 27 1.23 -1.30 6.55
CA CYS A 27 0.55 -0.07 6.87
C CYS A 27 -0.62 -0.25 7.83
N LYS A 28 -1.24 -1.43 7.84
CA LYS A 28 -2.37 -1.68 8.74
C LYS A 28 -1.88 -1.92 10.18
N ASP A 29 -0.70 -2.48 10.30
CA ASP A 29 -0.12 -2.80 11.59
C ASP A 29 0.60 -1.60 12.17
N ARG A 30 1.31 -0.89 11.34
CA ARG A 30 2.05 0.30 11.78
C ARG A 30 1.11 1.48 11.97
N GLU A 31 0.36 1.79 10.94
CA GLU A 31 -0.50 2.96 10.91
C GLU A 31 -1.94 2.47 11.03
N HIS A 32 -2.91 3.29 10.73
CA HIS A 32 -4.30 2.86 10.85
C HIS A 32 -4.99 2.73 9.48
N PHE A 33 -4.25 2.24 8.50
CA PHE A 33 -4.81 1.97 7.18
C PHE A 33 -5.59 0.66 7.25
N ALA A 34 -6.89 0.73 7.31
CA ALA A 34 -7.75 -0.45 7.45
C ALA A 34 -7.62 -1.38 6.26
N TYR A 35 -7.36 -0.82 5.10
CA TYR A 35 -7.20 -1.58 3.88
C TYR A 35 -5.74 -1.97 3.70
N GLY A 36 -4.89 -1.40 4.54
CA GLY A 36 -3.49 -1.64 4.47
C GLY A 36 -2.86 -1.02 3.26
N GLY A 37 -2.81 -1.77 2.19
CA GLY A 37 -2.18 -1.34 1.00
C GLY A 37 -2.14 -2.46 0.00
N ALA A 38 -1.67 -2.16 -1.17
CA ALA A 38 -1.56 -3.14 -2.22
C ALA A 38 -0.34 -2.83 -3.06
N CYS A 39 0.10 -3.79 -3.81
CA CYS A 39 1.22 -3.61 -4.68
C CYS A 39 0.73 -2.95 -5.97
N HIS A 40 1.11 -1.72 -6.17
CA HIS A 40 0.67 -0.92 -7.30
C HIS A 40 1.90 -0.66 -8.17
N TYR A 41 1.72 -0.61 -9.48
CA TYR A 41 2.83 -0.38 -10.37
C TYR A 41 3.28 1.07 -10.31
N GLN A 42 4.55 1.24 -10.29
CA GLN A 42 5.19 2.50 -10.30
C GLN A 42 6.38 2.34 -11.21
N PHE A 43 6.91 3.38 -11.73
CA PHE A 43 8.08 3.23 -12.55
C PHE A 43 9.32 3.08 -11.63
N PRO A 44 10.19 2.08 -11.86
CA PRO A 44 10.03 1.04 -12.87
C PRO A 44 9.63 -0.31 -12.24
N SER A 45 9.21 -0.28 -11.00
CA SER A 45 8.87 -1.49 -10.31
C SER A 45 7.61 -1.30 -9.47
N VAL A 46 6.86 -2.38 -9.34
CA VAL A 46 5.67 -2.42 -8.52
C VAL A 46 6.07 -2.15 -7.07
N LYS A 47 5.45 -1.20 -6.45
CA LYS A 47 5.80 -0.80 -5.10
C LYS A 47 4.54 -0.90 -4.22
N CYS A 48 4.72 -0.87 -2.93
CA CYS A 48 3.62 -0.95 -2.00
C CYS A 48 2.97 0.41 -1.84
N PHE A 49 1.69 0.47 -2.07
CA PHE A 49 0.94 1.67 -1.89
C PHE A 49 -0.16 1.43 -0.89
N CYS A 50 -0.06 2.12 0.20
CA CYS A 50 -0.99 1.99 1.26
C CYS A 50 -2.23 2.81 0.94
N LYS A 51 -3.34 2.14 0.80
CA LYS A 51 -4.57 2.76 0.38
C LYS A 51 -5.31 3.38 1.55
N ARG A 52 -5.35 4.69 1.60
CA ARG A 52 -6.08 5.38 2.65
C ARG A 52 -7.43 5.81 2.14
N GLN A 53 -8.34 5.98 3.04
CA GLN A 53 -9.65 6.46 2.73
C GLN A 53 -9.57 7.96 2.52
N CYS A 54 -10.00 8.39 1.38
CA CYS A 54 -10.06 9.78 1.09
C CYS A 54 -11.50 10.19 1.01
N ASP A 1 -18.22 2.47 -5.94
CA ASP A 1 -18.34 1.97 -4.58
C ASP A 1 -18.49 3.15 -3.65
N GLY A 2 -19.01 2.92 -2.46
CA GLY A 2 -19.20 3.99 -1.51
C GLY A 2 -17.87 4.57 -1.05
N VAL A 3 -16.90 3.70 -0.88
CA VAL A 3 -15.61 4.11 -0.38
C VAL A 3 -14.62 4.22 -1.53
N LYS A 4 -13.94 5.31 -1.59
CA LYS A 4 -12.93 5.52 -2.60
C LYS A 4 -11.60 5.48 -1.90
N LEU A 5 -10.60 4.96 -2.54
CA LEU A 5 -9.31 4.85 -1.92
C LEU A 5 -8.28 5.54 -2.77
N CYS A 6 -7.26 6.04 -2.15
CA CYS A 6 -6.18 6.68 -2.85
C CYS A 6 -4.91 5.91 -2.58
N ASP A 7 -4.05 5.82 -3.58
CA ASP A 7 -2.79 5.08 -3.50
C ASP A 7 -1.70 5.93 -2.90
N VAL A 8 -1.31 5.60 -1.71
CA VAL A 8 -0.27 6.31 -1.01
C VAL A 8 1.00 5.46 -1.03
N PRO A 9 2.08 5.94 -1.67
CA PRO A 9 3.33 5.17 -1.75
C PRO A 9 3.92 4.94 -0.36
N SER A 10 3.94 3.70 0.05
CA SER A 10 4.43 3.32 1.34
C SER A 10 5.95 3.47 1.37
N GLY A 11 6.42 4.41 2.16
CA GLY A 11 7.82 4.69 2.24
C GLY A 11 8.55 3.66 3.05
N THR A 12 7.81 2.94 3.86
CA THR A 12 8.37 1.92 4.69
C THR A 12 8.64 0.65 3.86
N TRP A 13 8.13 0.62 2.65
CA TRP A 13 8.37 -0.48 1.77
C TRP A 13 9.34 -0.06 0.70
N SER A 14 10.53 -0.55 0.81
CA SER A 14 11.53 -0.29 -0.16
C SER A 14 11.81 -1.61 -0.86
N GLY A 15 11.96 -1.57 -2.14
CA GLY A 15 12.15 -2.78 -2.88
C GLY A 15 10.91 -3.14 -3.64
N HIS A 16 10.87 -4.33 -4.14
CA HIS A 16 9.76 -4.80 -4.92
C HIS A 16 8.60 -5.23 -4.00
N CYS A 17 7.40 -4.96 -4.42
CA CYS A 17 6.21 -5.40 -3.72
C CYS A 17 5.63 -6.56 -4.48
N GLY A 18 5.84 -7.75 -3.98
CA GLY A 18 5.30 -8.93 -4.63
C GLY A 18 4.31 -9.65 -3.78
N SER A 19 4.08 -9.15 -2.58
CA SER A 19 3.14 -9.76 -1.69
C SER A 19 2.14 -8.72 -1.19
N SER A 20 0.94 -8.75 -1.72
CA SER A 20 -0.11 -7.81 -1.40
C SER A 20 -0.51 -7.93 0.08
N SER A 21 -0.49 -9.15 0.59
CA SER A 21 -0.84 -9.42 1.97
C SER A 21 0.19 -8.78 2.92
N LYS A 22 1.45 -8.79 2.53
CA LYS A 22 2.48 -8.20 3.38
C LYS A 22 2.52 -6.69 3.23
N CYS A 23 2.21 -6.21 2.04
CA CYS A 23 2.09 -4.78 1.77
C CYS A 23 1.05 -4.17 2.70
N SER A 24 -0.12 -4.79 2.73
CA SER A 24 -1.18 -4.36 3.57
C SER A 24 -0.82 -4.55 5.05
N GLN A 25 -0.24 -5.71 5.38
CA GLN A 25 0.16 -6.04 6.74
C GLN A 25 1.09 -5.00 7.32
N GLN A 26 2.20 -4.76 6.64
CA GLN A 26 3.22 -3.84 7.12
C GLN A 26 2.66 -2.42 7.24
N CYS A 27 1.85 -2.04 6.29
CA CYS A 27 1.26 -0.72 6.29
C CYS A 27 0.29 -0.55 7.48
N LYS A 28 -0.51 -1.59 7.76
CA LYS A 28 -1.47 -1.57 8.89
C LYS A 28 -0.76 -1.73 10.21
N ASP A 29 0.40 -2.31 10.15
CA ASP A 29 1.19 -2.55 11.33
C ASP A 29 1.83 -1.27 11.80
N ARG A 30 2.40 -0.54 10.88
CA ARG A 30 3.09 0.67 11.23
C ARG A 30 2.15 1.86 11.32
N GLU A 31 1.42 2.11 10.26
CA GLU A 31 0.52 3.23 10.23
C GLU A 31 -0.92 2.75 10.36
N HIS A 32 -1.83 3.68 10.33
CA HIS A 32 -3.20 3.34 10.50
C HIS A 32 -3.97 3.46 9.21
N PHE A 33 -3.85 2.44 8.41
CA PHE A 33 -4.57 2.34 7.17
C PHE A 33 -5.48 1.14 7.24
N ALA A 34 -6.76 1.42 7.38
CA ALA A 34 -7.78 0.40 7.58
C ALA A 34 -7.91 -0.53 6.37
N TYR A 35 -7.56 -0.02 5.20
CA TYR A 35 -7.62 -0.81 3.98
C TYR A 35 -6.27 -1.39 3.63
N GLY A 36 -5.28 -1.09 4.46
CA GLY A 36 -3.94 -1.58 4.24
C GLY A 36 -3.30 -1.01 3.01
N GLY A 37 -2.97 -1.87 2.09
CA GLY A 37 -2.28 -1.47 0.91
C GLY A 37 -2.23 -2.60 -0.07
N ALA A 38 -1.73 -2.32 -1.24
CA ALA A 38 -1.61 -3.29 -2.29
C ALA A 38 -0.44 -2.88 -3.16
N CYS A 39 0.06 -3.78 -3.93
CA CYS A 39 1.22 -3.51 -4.74
C CYS A 39 0.78 -2.81 -6.03
N HIS A 40 1.40 -1.70 -6.35
CA HIS A 40 1.06 -0.93 -7.53
C HIS A 40 2.36 -0.49 -8.21
N TYR A 41 2.34 -0.37 -9.51
CA TYR A 41 3.52 -0.03 -10.26
C TYR A 41 3.92 1.43 -10.15
N GLN A 42 5.18 1.61 -9.92
CA GLN A 42 5.84 2.86 -9.90
C GLN A 42 7.21 2.56 -10.42
N PHE A 43 7.80 3.47 -11.15
CA PHE A 43 9.14 3.26 -11.63
C PHE A 43 10.11 3.31 -10.42
N PRO A 44 11.12 2.43 -10.36
CA PRO A 44 11.40 1.42 -11.38
C PRO A 44 10.85 0.02 -11.03
N SER A 45 10.23 -0.10 -9.88
CA SER A 45 9.75 -1.36 -9.41
C SER A 45 8.44 -1.20 -8.66
N VAL A 46 7.50 -2.13 -8.88
CA VAL A 46 6.21 -2.17 -8.18
C VAL A 46 6.40 -1.99 -6.68
N LYS A 47 5.74 -1.00 -6.14
CA LYS A 47 5.92 -0.61 -4.78
C LYS A 47 4.62 -0.86 -4.01
N CYS A 48 4.69 -0.77 -2.71
CA CYS A 48 3.54 -0.96 -1.87
C CYS A 48 2.80 0.36 -1.75
N PHE A 49 1.54 0.33 -2.08
CA PHE A 49 0.72 1.51 -2.00
C PHE A 49 -0.40 1.31 -1.05
N CYS A 50 -0.31 2.01 0.05
CA CYS A 50 -1.30 2.00 1.07
C CYS A 50 -2.55 2.65 0.55
N LYS A 51 -3.66 2.10 0.90
CA LYS A 51 -4.92 2.57 0.43
C LYS A 51 -5.57 3.38 1.49
N ARG A 52 -5.71 4.65 1.25
CA ARG A 52 -6.38 5.47 2.23
C ARG A 52 -7.79 5.72 1.82
N GLN A 53 -8.63 5.83 2.79
CA GLN A 53 -10.02 6.13 2.62
C GLN A 53 -10.12 7.59 2.21
N CYS A 54 -10.73 7.84 1.10
CA CYS A 54 -10.85 9.15 0.60
C CYS A 54 -12.30 9.53 0.46
N ASP A 1 -14.83 0.42 -7.19
CA ASP A 1 -14.42 1.04 -5.93
C ASP A 1 -15.57 1.82 -5.33
N GLY A 2 -15.95 1.45 -4.13
CA GLY A 2 -17.02 2.14 -3.45
C GLY A 2 -16.50 3.31 -2.66
N VAL A 3 -15.30 3.17 -2.17
CA VAL A 3 -14.65 4.21 -1.40
C VAL A 3 -13.40 4.61 -2.15
N LYS A 4 -13.06 5.88 -2.12
CA LYS A 4 -11.90 6.33 -2.83
C LYS A 4 -10.72 6.29 -1.91
N LEU A 5 -9.83 5.39 -2.19
CA LEU A 5 -8.68 5.21 -1.38
C LEU A 5 -7.52 5.90 -2.02
N CYS A 6 -6.83 6.62 -1.25
CA CYS A 6 -5.68 7.32 -1.71
C CYS A 6 -4.47 6.48 -1.50
N ASP A 7 -3.71 6.32 -2.56
CA ASP A 7 -2.52 5.51 -2.54
C ASP A 7 -1.35 6.34 -2.16
N VAL A 8 -0.65 5.90 -1.19
CA VAL A 8 0.53 6.59 -0.75
C VAL A 8 1.72 5.65 -0.87
N PRO A 9 2.88 6.16 -1.30
CA PRO A 9 4.09 5.35 -1.37
C PRO A 9 4.43 4.83 0.01
N SER A 10 4.54 3.53 0.13
CA SER A 10 4.83 2.94 1.40
C SER A 10 6.22 3.35 1.88
N GLY A 11 6.25 4.13 2.94
CA GLY A 11 7.49 4.61 3.50
C GLY A 11 8.16 3.56 4.36
N THR A 12 7.51 2.44 4.50
CA THR A 12 8.00 1.35 5.28
C THR A 12 8.46 0.19 4.37
N TRP A 13 8.00 0.18 3.13
CA TRP A 13 8.32 -0.92 2.24
C TRP A 13 9.60 -0.62 1.50
N SER A 14 10.40 -1.63 1.32
CA SER A 14 11.65 -1.49 0.66
C SER A 14 11.64 -2.30 -0.65
N GLY A 15 11.55 -1.60 -1.76
CA GLY A 15 11.70 -2.23 -3.06
C GLY A 15 10.44 -2.77 -3.67
N HIS A 16 10.59 -3.87 -4.36
CA HIS A 16 9.55 -4.55 -5.11
C HIS A 16 8.48 -5.10 -4.18
N CYS A 17 7.24 -4.93 -4.55
CA CYS A 17 6.15 -5.47 -3.81
C CYS A 17 5.69 -6.73 -4.48
N GLY A 18 6.10 -7.85 -3.94
CA GLY A 18 5.68 -9.12 -4.46
C GLY A 18 4.84 -9.85 -3.45
N SER A 19 4.43 -9.11 -2.44
CA SER A 19 3.67 -9.65 -1.36
C SER A 19 2.53 -8.68 -1.01
N SER A 20 1.38 -8.93 -1.59
CA SER A 20 0.23 -8.08 -1.45
C SER A 20 -0.28 -8.05 0.00
N SER A 21 -0.46 -9.22 0.59
CA SER A 21 -0.99 -9.34 1.93
C SER A 21 -0.01 -8.74 2.95
N LYS A 22 1.28 -8.89 2.67
CA LYS A 22 2.31 -8.33 3.52
C LYS A 22 2.27 -6.82 3.47
N CYS A 23 2.10 -6.27 2.26
CA CYS A 23 1.97 -4.83 2.04
C CYS A 23 0.77 -4.29 2.85
N SER A 24 -0.35 -5.02 2.79
CA SER A 24 -1.53 -4.65 3.53
C SER A 24 -1.25 -4.61 5.05
N GLN A 25 -0.73 -5.71 5.57
CA GLN A 25 -0.47 -5.84 7.00
C GLN A 25 0.55 -4.81 7.49
N GLN A 26 1.60 -4.60 6.71
CA GLN A 26 2.69 -3.70 7.10
C GLN A 26 2.24 -2.25 7.14
N CYS A 27 1.51 -1.81 6.13
CA CYS A 27 0.99 -0.45 6.13
C CYS A 27 -0.01 -0.24 7.25
N LYS A 28 -0.87 -1.25 7.49
CA LYS A 28 -1.88 -1.21 8.54
C LYS A 28 -1.22 -1.29 9.93
N ASP A 29 -0.04 -1.85 9.96
CA ASP A 29 0.74 -1.93 11.18
C ASP A 29 1.34 -0.57 11.51
N ARG A 30 1.99 0.04 10.54
CA ARG A 30 2.67 1.32 10.73
C ARG A 30 1.69 2.48 10.98
N GLU A 31 0.78 2.70 10.06
CA GLU A 31 -0.19 3.78 10.20
C GLU A 31 -1.59 3.21 10.19
N HIS A 32 -2.58 4.03 10.37
CA HIS A 32 -3.94 3.55 10.38
C HIS A 32 -4.50 3.50 8.97
N PHE A 33 -4.09 2.50 8.27
CA PHE A 33 -4.60 2.23 6.96
C PHE A 33 -5.63 1.16 7.07
N ALA A 34 -6.88 1.53 6.96
CA ALA A 34 -8.01 0.60 7.12
C ALA A 34 -7.97 -0.52 6.08
N TYR A 35 -7.35 -0.26 4.95
CA TYR A 35 -7.23 -1.24 3.89
C TYR A 35 -5.80 -1.65 3.68
N GLY A 36 -4.93 -1.23 4.60
CA GLY A 36 -3.53 -1.54 4.51
C GLY A 36 -2.87 -0.94 3.30
N GLY A 37 -2.65 -1.74 2.31
CA GLY A 37 -1.95 -1.32 1.13
C GLY A 37 -1.95 -2.43 0.13
N ALA A 38 -1.57 -2.13 -1.08
CA ALA A 38 -1.54 -3.12 -2.12
C ALA A 38 -0.33 -2.90 -3.01
N CYS A 39 0.11 -3.93 -3.68
CA CYS A 39 1.23 -3.85 -4.59
C CYS A 39 0.73 -3.19 -5.86
N HIS A 40 1.30 -2.08 -6.20
CA HIS A 40 0.86 -1.36 -7.35
C HIS A 40 2.05 -0.97 -8.22
N TYR A 41 1.95 -1.33 -9.47
CA TYR A 41 2.94 -0.98 -10.44
C TYR A 41 2.61 0.38 -10.95
N GLN A 42 3.46 1.32 -10.71
CA GLN A 42 3.25 2.62 -11.23
C GLN A 42 4.48 3.11 -11.88
N PHE A 43 5.44 3.37 -11.10
CA PHE A 43 6.69 3.88 -11.56
C PHE A 43 7.73 3.73 -10.46
N PRO A 44 8.92 3.18 -10.76
CA PRO A 44 9.27 2.60 -12.07
C PRO A 44 9.09 1.07 -12.03
N SER A 45 8.53 0.60 -10.95
CA SER A 45 8.33 -0.78 -10.68
C SER A 45 7.09 -0.94 -9.79
N VAL A 46 6.75 -2.15 -9.43
CA VAL A 46 5.64 -2.38 -8.54
C VAL A 46 6.07 -2.30 -7.09
N LYS A 47 5.56 -1.32 -6.42
CA LYS A 47 5.90 -1.04 -5.07
C LYS A 47 4.64 -1.10 -4.23
N CYS A 48 4.80 -1.17 -2.95
CA CYS A 48 3.69 -1.20 -2.03
C CYS A 48 3.14 0.20 -1.86
N PHE A 49 1.86 0.33 -2.09
CA PHE A 49 1.18 1.58 -1.92
C PHE A 49 0.10 1.39 -0.89
N CYS A 50 0.25 2.06 0.21
CA CYS A 50 -0.68 1.96 1.30
C CYS A 50 -1.94 2.74 0.92
N LYS A 51 -3.09 2.22 1.26
CA LYS A 51 -4.33 2.82 0.81
C LYS A 51 -5.15 3.32 2.00
N ARG A 52 -5.33 4.62 2.07
CA ARG A 52 -6.17 5.22 3.12
C ARG A 52 -7.43 5.79 2.52
N GLN A 53 -8.49 5.75 3.28
CA GLN A 53 -9.78 6.26 2.84
C GLN A 53 -9.76 7.77 2.75
N CYS A 54 -10.24 8.30 1.66
CA CYS A 54 -10.39 9.72 1.51
C CYS A 54 -11.86 10.06 1.32
N ASP A 1 -17.01 1.15 -7.73
CA ASP A 1 -15.69 1.21 -7.08
C ASP A 1 -15.78 0.82 -5.61
N GLY A 2 -16.81 1.29 -4.93
CA GLY A 2 -16.97 0.97 -3.55
C GLY A 2 -16.73 2.17 -2.70
N VAL A 3 -15.54 2.28 -2.18
CA VAL A 3 -15.15 3.42 -1.39
C VAL A 3 -13.93 4.08 -2.06
N LYS A 4 -13.92 5.39 -2.10
CA LYS A 4 -12.81 6.13 -2.69
C LYS A 4 -11.55 6.01 -1.84
N LEU A 5 -10.54 5.39 -2.38
CA LEU A 5 -9.27 5.23 -1.67
C LEU A 5 -8.15 5.75 -2.52
N CYS A 6 -7.21 6.34 -1.89
CA CYS A 6 -6.05 6.87 -2.58
C CYS A 6 -4.85 6.04 -2.20
N ASP A 7 -4.11 5.59 -3.18
CA ASP A 7 -2.96 4.74 -2.95
C ASP A 7 -1.74 5.62 -2.74
N VAL A 8 -1.28 5.68 -1.51
CA VAL A 8 -0.16 6.51 -1.14
C VAL A 8 1.12 5.67 -0.99
N PRO A 9 2.27 6.11 -1.53
CA PRO A 9 3.52 5.35 -1.47
C PRO A 9 3.99 5.13 -0.04
N SER A 10 4.10 3.89 0.35
CA SER A 10 4.56 3.55 1.66
C SER A 10 6.08 3.66 1.74
N GLY A 11 6.57 4.61 2.52
CA GLY A 11 8.01 4.81 2.67
C GLY A 11 8.65 3.74 3.51
N THR A 12 7.83 3.04 4.25
CA THR A 12 8.23 1.95 5.11
C THR A 12 8.62 0.72 4.28
N TRP A 13 8.12 0.66 3.07
CA TRP A 13 8.36 -0.43 2.19
C TRP A 13 9.48 -0.06 1.25
N SER A 14 10.37 -0.95 1.05
CA SER A 14 11.45 -0.76 0.14
C SER A 14 11.58 -2.00 -0.72
N GLY A 15 11.47 -1.82 -2.01
CA GLY A 15 11.61 -2.93 -2.89
C GLY A 15 10.33 -3.26 -3.59
N HIS A 16 10.33 -4.38 -4.26
CA HIS A 16 9.21 -4.86 -5.02
C HIS A 16 8.09 -5.32 -4.10
N CYS A 17 6.89 -4.94 -4.45
CA CYS A 17 5.73 -5.37 -3.73
C CYS A 17 5.25 -6.65 -4.36
N GLY A 18 5.59 -7.75 -3.76
CA GLY A 18 5.22 -9.03 -4.29
C GLY A 18 4.00 -9.56 -3.62
N SER A 19 3.92 -9.36 -2.34
CA SER A 19 2.80 -9.81 -1.59
C SER A 19 1.93 -8.63 -1.20
N SER A 20 0.76 -8.56 -1.81
CA SER A 20 -0.20 -7.53 -1.51
C SER A 20 -0.68 -7.68 -0.06
N SER A 21 -0.73 -8.92 0.41
CA SER A 21 -1.14 -9.22 1.76
C SER A 21 -0.12 -8.68 2.76
N LYS A 22 1.16 -8.81 2.46
CA LYS A 22 2.18 -8.29 3.33
C LYS A 22 2.22 -6.79 3.26
N CYS A 23 1.92 -6.25 2.08
CA CYS A 23 1.81 -4.81 1.89
C CYS A 23 0.72 -4.25 2.81
N SER A 24 -0.45 -4.91 2.81
CA SER A 24 -1.55 -4.49 3.66
C SER A 24 -1.15 -4.58 5.13
N GLN A 25 -0.58 -5.73 5.51
CA GLN A 25 -0.19 -5.99 6.89
C GLN A 25 0.91 -5.05 7.38
N GLN A 26 1.92 -4.84 6.54
CA GLN A 26 3.05 -3.96 6.84
C GLN A 26 2.51 -2.57 7.13
N CYS A 27 1.65 -2.11 6.25
CA CYS A 27 1.06 -0.80 6.36
C CYS A 27 0.22 -0.67 7.65
N LYS A 28 -0.57 -1.69 7.98
CA LYS A 28 -1.42 -1.67 9.19
C LYS A 28 -0.57 -1.84 10.47
N ASP A 29 0.61 -2.41 10.31
CA ASP A 29 1.50 -2.63 11.44
C ASP A 29 2.36 -1.42 11.74
N ARG A 30 2.99 -0.88 10.71
CA ARG A 30 3.85 0.28 10.88
C ARG A 30 3.05 1.56 11.01
N GLU A 31 2.12 1.75 10.11
CA GLU A 31 1.32 2.94 10.08
C GLU A 31 -0.08 2.60 10.56
N HIS A 32 -1.00 3.48 10.31
CA HIS A 32 -2.39 3.27 10.67
C HIS A 32 -3.27 3.52 9.47
N PHE A 33 -3.50 2.48 8.72
CA PHE A 33 -4.37 2.52 7.57
C PHE A 33 -5.25 1.30 7.58
N ALA A 34 -6.51 1.50 7.86
CA ALA A 34 -7.47 0.41 8.01
C ALA A 34 -7.68 -0.31 6.69
N TYR A 35 -7.47 0.40 5.59
CA TYR A 35 -7.63 -0.19 4.29
C TYR A 35 -6.34 -0.83 3.81
N GLY A 36 -5.33 -0.80 4.68
CA GLY A 36 -4.07 -1.42 4.41
C GLY A 36 -3.35 -0.82 3.23
N GLY A 37 -2.97 -1.65 2.32
CA GLY A 37 -2.22 -1.22 1.21
C GLY A 37 -2.20 -2.30 0.17
N ALA A 38 -1.84 -1.94 -1.01
CA ALA A 38 -1.78 -2.87 -2.08
C ALA A 38 -0.60 -2.53 -2.96
N CYS A 39 -0.21 -3.47 -3.75
CA CYS A 39 0.88 -3.28 -4.65
C CYS A 39 0.43 -2.45 -5.83
N HIS A 40 0.98 -1.28 -5.96
CA HIS A 40 0.62 -0.36 -7.01
C HIS A 40 1.86 -0.07 -7.82
N TYR A 41 1.75 -0.17 -9.13
CA TYR A 41 2.89 0.05 -9.98
C TYR A 41 3.38 1.49 -9.92
N GLN A 42 4.65 1.61 -9.78
CA GLN A 42 5.33 2.87 -9.77
C GLN A 42 6.54 2.66 -10.64
N PHE A 43 7.12 3.69 -11.14
CA PHE A 43 8.28 3.54 -11.97
C PHE A 43 9.51 3.33 -11.08
N PRO A 44 10.35 2.33 -11.37
CA PRO A 44 10.15 1.35 -12.45
C PRO A 44 9.69 -0.02 -11.93
N SER A 45 9.22 -0.05 -10.70
CA SER A 45 8.83 -1.29 -10.08
C SER A 45 7.61 -1.10 -9.17
N VAL A 46 6.73 -2.09 -9.15
CA VAL A 46 5.52 -2.03 -8.35
C VAL A 46 5.86 -2.07 -6.87
N LYS A 47 5.36 -1.09 -6.16
CA LYS A 47 5.70 -0.89 -4.78
C LYS A 47 4.43 -0.88 -3.93
N CYS A 48 4.58 -0.99 -2.65
CA CYS A 48 3.47 -1.01 -1.73
C CYS A 48 2.92 0.40 -1.55
N PHE A 49 1.64 0.53 -1.76
CA PHE A 49 0.94 1.78 -1.58
C PHE A 49 -0.22 1.59 -0.63
N CYS A 50 -0.23 2.31 0.45
CA CYS A 50 -1.29 2.25 1.43
C CYS A 50 -2.55 2.90 0.86
N LYS A 51 -3.67 2.29 1.07
CA LYS A 51 -4.90 2.80 0.56
C LYS A 51 -5.59 3.60 1.64
N ARG A 52 -5.51 4.91 1.54
CA ARG A 52 -6.14 5.75 2.53
C ARG A 52 -7.52 6.12 2.03
N GLN A 53 -8.44 6.31 2.94
CA GLN A 53 -9.78 6.64 2.55
C GLN A 53 -9.87 8.13 2.27
N CYS A 54 -10.27 8.45 1.09
CA CYS A 54 -10.39 9.83 0.71
C CYS A 54 -11.85 10.22 0.66
N ASP A 1 -14.01 1.23 -4.72
CA ASP A 1 -15.42 1.38 -5.12
C ASP A 1 -16.18 1.90 -3.97
N GLY A 2 -17.13 2.78 -4.23
CA GLY A 2 -17.87 3.44 -3.18
C GLY A 2 -17.03 4.57 -2.65
N VAL A 3 -15.99 4.21 -1.96
CA VAL A 3 -15.03 5.13 -1.48
C VAL A 3 -13.86 5.16 -2.46
N LYS A 4 -13.34 6.31 -2.70
CA LYS A 4 -12.18 6.47 -3.51
C LYS A 4 -10.97 6.35 -2.65
N LEU A 5 -10.21 5.33 -2.86
CA LEU A 5 -9.05 5.11 -2.08
C LEU A 5 -7.84 5.49 -2.87
N CYS A 6 -6.95 6.17 -2.24
CA CYS A 6 -5.75 6.59 -2.90
C CYS A 6 -4.61 5.67 -2.52
N ASP A 7 -3.90 5.20 -3.52
CA ASP A 7 -2.78 4.31 -3.33
C ASP A 7 -1.54 5.12 -2.93
N VAL A 8 -1.21 5.05 -1.68
CA VAL A 8 -0.11 5.83 -1.11
C VAL A 8 1.10 4.92 -0.87
N PRO A 9 2.27 5.24 -1.45
CA PRO A 9 3.48 4.42 -1.26
C PRO A 9 3.86 4.32 0.22
N SER A 10 3.79 3.13 0.76
CA SER A 10 4.06 2.86 2.16
C SER A 10 5.50 3.22 2.51
N GLY A 11 5.68 3.92 3.60
CA GLY A 11 7.00 4.32 4.02
C GLY A 11 7.76 3.17 4.59
N THR A 12 7.03 2.26 5.19
CA THR A 12 7.60 1.08 5.77
C THR A 12 8.20 0.12 4.73
N TRP A 13 7.66 0.10 3.54
CA TRP A 13 8.09 -0.89 2.57
C TRP A 13 8.91 -0.24 1.49
N SER A 14 10.16 -0.55 1.50
CA SER A 14 11.08 -0.09 0.53
C SER A 14 11.47 -1.28 -0.34
N GLY A 15 11.44 -1.11 -1.64
CA GLY A 15 11.84 -2.17 -2.53
C GLY A 15 10.66 -2.81 -3.22
N HIS A 16 10.92 -3.93 -3.86
CA HIS A 16 9.93 -4.65 -4.63
C HIS A 16 8.82 -5.19 -3.75
N CYS A 17 7.60 -5.06 -4.21
CA CYS A 17 6.47 -5.57 -3.52
C CYS A 17 5.82 -6.64 -4.38
N GLY A 18 5.91 -7.87 -3.94
CA GLY A 18 5.28 -8.94 -4.65
C GLY A 18 4.47 -9.79 -3.70
N SER A 19 3.95 -9.15 -2.68
CA SER A 19 3.19 -9.82 -1.65
C SER A 19 2.13 -8.84 -1.10
N SER A 20 0.93 -8.92 -1.65
CA SER A 20 -0.16 -8.00 -1.34
C SER A 20 -0.54 -7.99 0.16
N SER A 21 -0.77 -9.15 0.73
CA SER A 21 -1.18 -9.24 2.11
C SER A 21 -0.03 -8.86 3.07
N LYS A 22 1.21 -9.15 2.65
CA LYS A 22 2.38 -8.75 3.45
C LYS A 22 2.51 -7.24 3.43
N CYS A 23 2.30 -6.67 2.24
CA CYS A 23 2.28 -5.24 2.04
C CYS A 23 1.23 -4.62 2.95
N SER A 24 0.03 -5.17 2.90
CA SER A 24 -1.08 -4.70 3.69
C SER A 24 -0.75 -4.77 5.19
N GLN A 25 -0.24 -5.91 5.64
CA GLN A 25 0.04 -6.11 7.04
C GLN A 25 1.15 -5.18 7.53
N GLN A 26 2.21 -5.04 6.75
CA GLN A 26 3.32 -4.19 7.13
C GLN A 26 2.87 -2.72 7.12
N CYS A 27 2.04 -2.39 6.13
CA CYS A 27 1.43 -1.07 6.02
C CYS A 27 0.61 -0.76 7.25
N LYS A 28 -0.36 -1.64 7.55
CA LYS A 28 -1.26 -1.46 8.69
C LYS A 28 -0.51 -1.47 10.02
N ASP A 29 0.62 -2.15 10.07
CA ASP A 29 1.40 -2.20 11.28
C ASP A 29 2.14 -0.89 11.54
N ARG A 30 2.89 -0.43 10.54
CA ARG A 30 3.68 0.80 10.67
C ARG A 30 2.83 2.04 10.49
N GLU A 31 2.21 2.15 9.35
CA GLU A 31 1.33 3.26 9.05
C GLU A 31 -0.07 2.91 9.57
N HIS A 32 -1.00 3.82 9.47
CA HIS A 32 -2.34 3.54 9.88
C HIS A 32 -3.28 3.71 8.72
N PHE A 33 -3.42 2.66 7.97
CA PHE A 33 -4.34 2.63 6.89
C PHE A 33 -5.19 1.40 7.01
N ALA A 34 -6.39 1.58 7.54
CA ALA A 34 -7.33 0.49 7.82
C ALA A 34 -7.83 -0.20 6.56
N TYR A 35 -7.58 0.41 5.43
CA TYR A 35 -7.96 -0.17 4.17
C TYR A 35 -6.87 -1.10 3.64
N GLY A 36 -5.76 -1.14 4.35
CA GLY A 36 -4.68 -2.03 4.01
C GLY A 36 -3.83 -1.49 2.89
N GLY A 37 -3.11 -2.37 2.26
CA GLY A 37 -2.25 -1.99 1.20
C GLY A 37 -2.11 -3.11 0.21
N ALA A 38 -1.54 -2.81 -0.92
CA ALA A 38 -1.32 -3.79 -1.96
C ALA A 38 -0.15 -3.34 -2.78
N CYS A 39 0.41 -4.24 -3.53
CA CYS A 39 1.55 -3.92 -4.34
C CYS A 39 1.07 -3.28 -5.62
N HIS A 40 1.57 -2.10 -5.90
CA HIS A 40 1.13 -1.37 -7.07
C HIS A 40 2.32 -0.95 -7.88
N TYR A 41 2.25 -1.20 -9.17
CA TYR A 41 3.29 -0.81 -10.06
C TYR A 41 2.99 0.56 -10.54
N GLN A 42 3.82 1.46 -10.19
CA GLN A 42 3.70 2.80 -10.62
C GLN A 42 5.02 3.11 -11.24
N PHE A 43 5.15 4.23 -11.86
CA PHE A 43 6.41 4.61 -12.35
C PHE A 43 7.36 4.91 -11.17
N PRO A 44 8.56 4.30 -11.13
CA PRO A 44 9.04 3.35 -12.14
C PRO A 44 8.98 1.86 -11.69
N SER A 45 8.48 1.57 -10.51
CA SER A 45 8.50 0.21 -10.00
C SER A 45 7.26 -0.14 -9.14
N VAL A 46 7.10 -1.42 -8.82
CA VAL A 46 6.02 -1.86 -7.95
C VAL A 46 6.44 -1.83 -6.49
N LYS A 47 5.76 -1.02 -5.75
CA LYS A 47 6.07 -0.79 -4.37
C LYS A 47 4.81 -1.09 -3.59
N CYS A 48 4.86 -0.94 -2.30
CA CYS A 48 3.71 -1.20 -1.46
C CYS A 48 2.92 0.07 -1.40
N PHE A 49 1.66 0.00 -1.71
CA PHE A 49 0.80 1.16 -1.70
C PHE A 49 -0.38 0.92 -0.78
N CYS A 50 -0.48 1.74 0.22
CA CYS A 50 -1.55 1.68 1.17
C CYS A 50 -2.77 2.36 0.60
N LYS A 51 -3.92 1.93 0.99
CA LYS A 51 -5.14 2.52 0.54
C LYS A 51 -5.65 3.49 1.59
N ARG A 52 -5.61 4.76 1.29
CA ARG A 52 -6.17 5.72 2.19
C ARG A 52 -7.52 6.12 1.69
N GLN A 53 -8.31 6.68 2.56
CA GLN A 53 -9.61 7.11 2.21
C GLN A 53 -9.49 8.52 1.64
N CYS A 54 -10.10 8.75 0.54
CA CYS A 54 -10.12 10.05 -0.07
C CYS A 54 -11.56 10.44 -0.32
N ASP A 1 -14.88 -2.18 -3.11
CA ASP A 1 -15.84 -1.44 -3.93
C ASP A 1 -15.08 -0.30 -4.52
N GLY A 2 -15.75 0.56 -5.26
CA GLY A 2 -15.09 1.67 -5.88
C GLY A 2 -15.07 2.88 -4.98
N VAL A 3 -14.68 2.67 -3.74
CA VAL A 3 -14.60 3.72 -2.77
C VAL A 3 -13.30 4.49 -3.02
N LYS A 4 -13.29 5.77 -2.76
CA LYS A 4 -12.11 6.57 -3.02
C LYS A 4 -11.01 6.27 -2.03
N LEU A 5 -10.12 5.42 -2.45
CA LEU A 5 -8.95 5.12 -1.68
C LEU A 5 -7.79 5.64 -2.40
N CYS A 6 -7.07 6.43 -1.76
CA CYS A 6 -5.92 7.02 -2.35
C CYS A 6 -4.69 6.28 -1.92
N ASP A 7 -3.88 5.98 -2.90
CA ASP A 7 -2.69 5.18 -2.73
C ASP A 7 -1.54 6.01 -2.24
N VAL A 8 -1.07 5.67 -1.08
CA VAL A 8 0.04 6.33 -0.43
C VAL A 8 1.20 5.34 -0.40
N PRO A 9 2.27 5.56 -1.17
CA PRO A 9 3.38 4.61 -1.27
C PRO A 9 4.15 4.45 0.04
N SER A 10 4.38 3.22 0.43
CA SER A 10 5.15 2.93 1.60
C SER A 10 6.63 3.20 1.31
N GLY A 11 7.22 4.08 2.09
CA GLY A 11 8.63 4.37 1.94
C GLY A 11 9.47 3.37 2.67
N THR A 12 8.96 2.91 3.81
CA THR A 12 9.59 1.90 4.62
C THR A 12 9.70 0.56 3.84
N TRP A 13 8.69 0.25 3.02
CA TRP A 13 8.76 -0.89 2.13
C TRP A 13 9.72 -0.51 1.00
N SER A 14 10.86 -1.10 1.00
CA SER A 14 11.83 -0.81 0.01
C SER A 14 11.91 -1.93 -1.01
N GLY A 15 11.42 -1.68 -2.19
CA GLY A 15 11.50 -2.65 -3.22
C GLY A 15 10.15 -2.96 -3.83
N HIS A 16 10.14 -4.00 -4.61
CA HIS A 16 8.97 -4.46 -5.32
C HIS A 16 7.92 -5.07 -4.36
N CYS A 17 6.67 -4.96 -4.73
CA CYS A 17 5.58 -5.53 -3.99
C CYS A 17 5.02 -6.70 -4.75
N GLY A 18 5.21 -7.86 -4.22
CA GLY A 18 4.65 -9.03 -4.83
C GLY A 18 3.93 -9.85 -3.81
N SER A 19 3.35 -9.18 -2.84
CA SER A 19 2.64 -9.80 -1.76
C SER A 19 1.58 -8.84 -1.22
N SER A 20 0.33 -9.12 -1.56
CA SER A 20 -0.78 -8.25 -1.23
C SER A 20 -1.05 -8.17 0.28
N SER A 21 -1.21 -9.32 0.93
CA SER A 21 -1.52 -9.36 2.35
C SER A 21 -0.39 -8.76 3.17
N LYS A 22 0.84 -9.06 2.79
CA LYS A 22 2.00 -8.53 3.48
C LYS A 22 2.04 -7.02 3.34
N CYS A 23 1.64 -6.52 2.19
CA CYS A 23 1.59 -5.08 1.96
C CYS A 23 0.53 -4.45 2.87
N SER A 24 -0.65 -5.09 2.93
CA SER A 24 -1.74 -4.64 3.76
C SER A 24 -1.29 -4.59 5.24
N GLN A 25 -0.77 -5.70 5.71
CA GLN A 25 -0.32 -5.86 7.08
C GLN A 25 0.83 -4.93 7.41
N GLN A 26 1.75 -4.76 6.47
CA GLN A 26 2.92 -3.90 6.66
C GLN A 26 2.51 -2.48 6.89
N CYS A 27 1.70 -1.93 6.03
CA CYS A 27 1.38 -0.55 6.18
C CYS A 27 0.36 -0.33 7.29
N LYS A 28 -0.48 -1.32 7.55
CA LYS A 28 -1.47 -1.22 8.61
C LYS A 28 -0.78 -1.32 9.98
N ASP A 29 0.35 -2.01 10.01
CA ASP A 29 1.15 -2.09 11.22
C ASP A 29 1.89 -0.80 11.44
N ARG A 30 2.55 -0.33 10.39
CA ARG A 30 3.35 0.87 10.50
C ARG A 30 2.51 2.12 10.76
N GLU A 31 1.56 2.37 9.90
CA GLU A 31 0.71 3.54 9.99
C GLU A 31 -0.74 3.14 10.23
N HIS A 32 -1.62 4.10 10.19
CA HIS A 32 -3.01 3.87 10.39
C HIS A 32 -3.71 3.91 9.05
N PHE A 33 -3.80 2.76 8.46
CA PHE A 33 -4.52 2.57 7.21
C PHE A 33 -5.50 1.41 7.36
N ALA A 34 -6.77 1.74 7.39
CA ALA A 34 -7.84 0.77 7.60
C ALA A 34 -7.98 -0.18 6.43
N TYR A 35 -7.51 0.22 5.28
CA TYR A 35 -7.53 -0.64 4.11
C TYR A 35 -6.18 -1.23 3.84
N GLY A 36 -5.26 -1.03 4.79
CA GLY A 36 -3.92 -1.54 4.67
C GLY A 36 -3.20 -0.97 3.47
N GLY A 37 -3.04 -1.79 2.47
CA GLY A 37 -2.35 -1.40 1.29
C GLY A 37 -2.28 -2.55 0.34
N ALA A 38 -1.89 -2.27 -0.87
CA ALA A 38 -1.77 -3.29 -1.88
C ALA A 38 -0.67 -2.90 -2.86
N CYS A 39 -0.36 -3.76 -3.78
CA CYS A 39 0.68 -3.50 -4.73
C CYS A 39 0.15 -2.58 -5.85
N HIS A 40 0.81 -1.46 -6.06
CA HIS A 40 0.41 -0.49 -7.09
C HIS A 40 1.66 -0.06 -7.85
N TYR A 41 1.51 0.28 -9.12
CA TYR A 41 2.67 0.67 -9.91
C TYR A 41 2.93 2.15 -9.86
N GLN A 42 4.17 2.44 -9.66
CA GLN A 42 4.73 3.72 -9.79
C GLN A 42 6.13 3.43 -10.17
N PHE A 43 6.79 4.33 -10.81
CA PHE A 43 8.17 4.11 -11.13
C PHE A 43 8.96 3.97 -9.80
N PRO A 44 9.94 3.06 -9.71
CA PRO A 44 10.40 2.23 -10.82
C PRO A 44 9.75 0.83 -10.93
N SER A 45 8.94 0.46 -9.96
CA SER A 45 8.35 -0.85 -9.95
C SER A 45 7.13 -0.84 -9.05
N VAL A 46 6.29 -1.84 -9.21
CA VAL A 46 5.11 -2.03 -8.40
C VAL A 46 5.52 -2.15 -6.95
N LYS A 47 5.09 -1.22 -6.15
CA LYS A 47 5.48 -1.17 -4.76
C LYS A 47 4.22 -1.19 -3.88
N CYS A 48 4.41 -1.31 -2.59
CA CYS A 48 3.34 -1.35 -1.64
C CYS A 48 2.77 0.06 -1.45
N PHE A 49 1.50 0.21 -1.72
CA PHE A 49 0.82 1.46 -1.57
C PHE A 49 -0.31 1.30 -0.59
N CYS A 50 -0.26 2.08 0.43
CA CYS A 50 -1.23 2.09 1.48
C CYS A 50 -2.49 2.76 0.97
N LYS A 51 -3.62 2.20 1.26
CA LYS A 51 -4.85 2.75 0.77
C LYS A 51 -5.62 3.43 1.87
N ARG A 52 -5.64 4.75 1.83
CA ARG A 52 -6.45 5.47 2.80
C ARG A 52 -7.69 5.98 2.15
N GLN A 53 -8.69 6.25 2.94
CA GLN A 53 -9.89 6.82 2.44
C GLN A 53 -9.67 8.29 2.22
N CYS A 54 -9.86 8.71 1.03
CA CYS A 54 -9.72 10.08 0.69
C CYS A 54 -11.07 10.64 0.34
N ASP A 1 -17.81 -1.22 1.85
CA ASP A 1 -17.55 0.21 2.03
C ASP A 1 -17.52 0.92 0.72
N GLY A 2 -18.27 1.98 0.62
CA GLY A 2 -18.29 2.76 -0.59
C GLY A 2 -17.34 3.93 -0.48
N VAL A 3 -16.08 3.63 -0.46
CA VAL A 3 -15.06 4.64 -0.33
C VAL A 3 -14.13 4.57 -1.54
N LYS A 4 -13.59 5.69 -1.92
CA LYS A 4 -12.62 5.73 -2.98
C LYS A 4 -11.27 5.67 -2.33
N LEU A 5 -10.32 5.06 -2.95
CA LEU A 5 -9.03 4.95 -2.34
C LEU A 5 -7.99 5.66 -3.15
N CYS A 6 -7.12 6.32 -2.47
CA CYS A 6 -6.00 6.99 -3.09
C CYS A 6 -4.75 6.21 -2.77
N ASP A 7 -3.97 5.95 -3.76
CA ASP A 7 -2.75 5.16 -3.62
C ASP A 7 -1.61 6.09 -3.26
N VAL A 8 -1.05 5.94 -2.08
CA VAL A 8 0.06 6.78 -1.65
C VAL A 8 1.31 5.92 -1.42
N PRO A 9 2.51 6.45 -1.71
CA PRO A 9 3.77 5.69 -1.54
C PRO A 9 3.95 5.22 -0.10
N SER A 10 4.13 3.94 0.09
CA SER A 10 4.27 3.38 1.40
C SER A 10 5.71 3.56 1.87
N GLY A 11 5.87 4.05 3.08
CA GLY A 11 7.19 4.19 3.63
C GLY A 11 7.63 2.88 4.27
N THR A 12 6.66 2.10 4.72
CA THR A 12 6.95 0.83 5.36
C THR A 12 7.51 -0.20 4.39
N TRP A 13 7.14 -0.09 3.14
CA TRP A 13 7.53 -1.07 2.19
C TRP A 13 8.52 -0.48 1.21
N SER A 14 9.70 -1.00 1.21
CA SER A 14 10.72 -0.60 0.30
C SER A 14 11.04 -1.79 -0.62
N GLY A 15 11.47 -1.50 -1.82
CA GLY A 15 11.81 -2.56 -2.75
C GLY A 15 10.61 -3.07 -3.52
N HIS A 16 10.70 -4.29 -3.97
CA HIS A 16 9.66 -4.91 -4.76
C HIS A 16 8.48 -5.35 -3.87
N CYS A 17 7.29 -5.03 -4.30
CA CYS A 17 6.09 -5.46 -3.64
C CYS A 17 5.63 -6.75 -4.27
N GLY A 18 5.90 -7.84 -3.61
CA GLY A 18 5.47 -9.10 -4.12
C GLY A 18 4.31 -9.62 -3.32
N SER A 19 4.47 -9.62 -2.03
CA SER A 19 3.46 -10.07 -1.15
C SER A 19 2.47 -8.92 -0.85
N SER A 20 1.43 -8.85 -1.66
CA SER A 20 0.43 -7.81 -1.59
C SER A 20 -0.28 -7.80 -0.24
N SER A 21 -0.77 -8.97 0.18
CA SER A 21 -1.55 -9.06 1.40
C SER A 21 -0.67 -8.77 2.61
N LYS A 22 0.60 -9.13 2.50
CA LYS A 22 1.53 -8.84 3.56
C LYS A 22 1.81 -7.36 3.66
N CYS A 23 1.89 -6.67 2.50
CA CYS A 23 2.08 -5.24 2.55
C CYS A 23 0.83 -4.58 3.11
N SER A 24 -0.34 -5.14 2.77
CA SER A 24 -1.59 -4.66 3.27
C SER A 24 -1.61 -4.74 4.80
N GLN A 25 -1.28 -5.91 5.32
CA GLN A 25 -1.24 -6.13 6.76
C GLN A 25 -0.22 -5.20 7.41
N GLN A 26 0.98 -5.16 6.86
CA GLN A 26 2.07 -4.32 7.34
C GLN A 26 1.67 -2.84 7.45
N CYS A 27 1.13 -2.32 6.35
CA CYS A 27 0.75 -0.92 6.30
C CYS A 27 -0.45 -0.64 7.21
N LYS A 28 -1.35 -1.59 7.31
CA LYS A 28 -2.53 -1.45 8.16
C LYS A 28 -2.13 -1.48 9.64
N ASP A 29 -1.07 -2.20 9.91
CA ASP A 29 -0.55 -2.39 11.25
C ASP A 29 0.31 -1.20 11.71
N ARG A 30 1.26 -0.81 10.89
CA ARG A 30 2.20 0.23 11.26
C ARG A 30 1.71 1.64 10.93
N GLU A 31 1.00 1.77 9.84
CA GLU A 31 0.53 3.05 9.37
C GLU A 31 -0.94 3.22 9.72
N HIS A 32 -1.52 4.30 9.23
CA HIS A 32 -2.92 4.59 9.46
C HIS A 32 -3.73 4.40 8.19
N PHE A 33 -3.64 3.22 7.64
CA PHE A 33 -4.35 2.89 6.45
C PHE A 33 -5.04 1.57 6.65
N ALA A 34 -6.35 1.64 6.87
CA ALA A 34 -7.17 0.47 7.16
C ALA A 34 -7.14 -0.57 6.04
N TYR A 35 -6.96 -0.13 4.82
CA TYR A 35 -6.92 -1.06 3.69
C TYR A 35 -5.51 -1.53 3.41
N GLY A 36 -4.57 -0.98 4.14
CA GLY A 36 -3.19 -1.30 3.94
C GLY A 36 -2.70 -0.72 2.65
N GLY A 37 -2.22 -1.57 1.78
CA GLY A 37 -1.68 -1.13 0.55
C GLY A 37 -1.65 -2.24 -0.45
N ALA A 38 -1.34 -1.91 -1.66
CA ALA A 38 -1.28 -2.86 -2.73
C ALA A 38 -0.08 -2.56 -3.59
N CYS A 39 0.27 -3.46 -4.46
CA CYS A 39 1.45 -3.30 -5.28
C CYS A 39 1.08 -2.54 -6.55
N HIS A 40 1.83 -1.53 -6.87
CA HIS A 40 1.62 -0.69 -8.02
C HIS A 40 2.97 -0.29 -8.59
N TYR A 41 3.12 -0.36 -9.88
CA TYR A 41 4.37 -0.02 -10.49
C TYR A 41 4.56 1.47 -10.57
N GLN A 42 5.72 1.90 -10.17
CA GLN A 42 6.16 3.24 -10.29
C GLN A 42 7.62 3.14 -10.61
N PHE A 43 8.12 3.96 -11.49
CA PHE A 43 9.51 3.87 -11.87
C PHE A 43 10.42 3.94 -10.62
N PRO A 44 11.38 2.98 -10.46
CA PRO A 44 11.65 1.92 -11.43
C PRO A 44 11.21 0.50 -10.98
N SER A 45 10.26 0.38 -10.06
CA SER A 45 9.93 -0.93 -9.50
C SER A 45 8.46 -1.04 -9.05
N VAL A 46 8.00 -2.28 -8.90
CA VAL A 46 6.68 -2.52 -8.36
C VAL A 46 6.71 -2.20 -6.88
N LYS A 47 6.17 -1.08 -6.52
CA LYS A 47 6.25 -0.59 -5.18
C LYS A 47 4.91 -0.78 -4.51
N CYS A 48 4.86 -0.68 -3.22
CA CYS A 48 3.62 -0.81 -2.54
C CYS A 48 3.08 0.55 -2.22
N PHE A 49 1.85 0.75 -2.54
CA PHE A 49 1.16 1.98 -2.30
C PHE A 49 0.03 1.72 -1.36
N CYS A 50 0.00 2.45 -0.28
CA CYS A 50 -1.03 2.31 0.70
C CYS A 50 -2.28 3.01 0.21
N LYS A 51 -3.39 2.34 0.33
CA LYS A 51 -4.61 2.83 -0.22
C LYS A 51 -5.42 3.50 0.88
N ARG A 52 -5.46 4.81 0.85
CA ARG A 52 -6.15 5.55 1.87
C ARG A 52 -7.56 5.87 1.46
N GLN A 53 -8.40 6.05 2.44
CA GLN A 53 -9.78 6.42 2.26
C GLN A 53 -9.86 7.87 1.78
N CYS A 54 -10.53 8.07 0.68
CA CYS A 54 -10.75 9.38 0.16
C CYS A 54 -12.25 9.62 -0.05
N ASP A 1 -18.54 0.14 0.61
CA ASP A 1 -19.43 -0.01 -0.56
C ASP A 1 -19.18 1.06 -1.61
N GLY A 2 -18.61 2.18 -1.22
CA GLY A 2 -18.37 3.21 -2.19
C GLY A 2 -17.39 4.24 -1.72
N VAL A 3 -16.57 3.89 -0.76
CA VAL A 3 -15.59 4.82 -0.27
C VAL A 3 -14.41 4.85 -1.21
N LYS A 4 -14.03 6.03 -1.62
CA LYS A 4 -12.95 6.18 -2.56
C LYS A 4 -11.62 6.12 -1.86
N LEU A 5 -10.79 5.23 -2.32
CA LEU A 5 -9.50 5.05 -1.74
C LEU A 5 -8.43 5.45 -2.74
N CYS A 6 -7.47 6.16 -2.26
CA CYS A 6 -6.41 6.64 -3.10
C CYS A 6 -5.14 5.86 -2.81
N ASP A 7 -4.30 5.73 -3.80
CA ASP A 7 -3.06 4.98 -3.66
C ASP A 7 -1.95 5.90 -3.23
N VAL A 8 -1.36 5.61 -2.11
CA VAL A 8 -0.25 6.38 -1.61
C VAL A 8 0.97 5.49 -1.38
N PRO A 9 2.16 5.95 -1.79
CA PRO A 9 3.39 5.18 -1.62
C PRO A 9 3.73 4.99 -0.14
N SER A 10 3.93 3.75 0.24
CA SER A 10 4.30 3.43 1.58
C SER A 10 5.73 3.89 1.87
N GLY A 11 5.96 4.41 3.06
CA GLY A 11 7.28 4.83 3.42
C GLY A 11 8.03 3.74 4.11
N THR A 12 7.32 2.95 4.88
CA THR A 12 7.89 1.87 5.63
C THR A 12 8.21 0.64 4.78
N TRP A 13 7.53 0.48 3.66
CA TRP A 13 7.84 -0.63 2.77
C TRP A 13 8.95 -0.17 1.86
N SER A 14 10.02 -0.89 1.84
CA SER A 14 11.12 -0.53 1.03
C SER A 14 11.50 -1.74 0.18
N GLY A 15 11.84 -1.48 -1.06
CA GLY A 15 12.19 -2.54 -1.95
C GLY A 15 11.11 -2.79 -2.97
N HIS A 16 11.03 -4.00 -3.39
CA HIS A 16 10.07 -4.44 -4.37
C HIS A 16 8.83 -4.97 -3.65
N CYS A 17 7.66 -4.74 -4.20
CA CYS A 17 6.44 -5.27 -3.62
C CYS A 17 6.10 -6.56 -4.31
N GLY A 18 6.42 -7.67 -3.67
CA GLY A 18 6.14 -8.96 -4.23
C GLY A 18 5.21 -9.75 -3.36
N SER A 19 4.47 -9.05 -2.54
CA SER A 19 3.55 -9.67 -1.66
C SER A 19 2.40 -8.74 -1.45
N SER A 20 1.31 -9.07 -2.06
CA SER A 20 0.13 -8.27 -2.02
C SER A 20 -0.51 -8.32 -0.62
N SER A 21 -0.36 -9.45 0.05
CA SER A 21 -0.94 -9.66 1.34
C SER A 21 -0.10 -8.99 2.44
N LYS A 22 1.21 -9.10 2.32
CA LYS A 22 2.09 -8.50 3.29
C LYS A 22 2.14 -7.01 3.12
N CYS A 23 1.88 -6.55 1.90
CA CYS A 23 1.76 -5.13 1.62
C CYS A 23 0.63 -4.58 2.47
N SER A 24 -0.56 -5.21 2.40
CA SER A 24 -1.72 -4.78 3.19
C SER A 24 -1.40 -4.81 4.69
N GLN A 25 -0.89 -5.96 5.14
CA GLN A 25 -0.61 -6.20 6.55
C GLN A 25 0.41 -5.20 7.09
N GLN A 26 1.59 -5.11 6.46
CA GLN A 26 2.66 -4.25 6.93
C GLN A 26 2.23 -2.78 6.90
N CYS A 27 1.48 -2.44 5.88
CA CYS A 27 0.94 -1.10 5.70
C CYS A 27 0.13 -0.68 6.94
N LYS A 28 -0.93 -1.46 7.22
CA LYS A 28 -1.85 -1.17 8.31
C LYS A 28 -1.15 -1.22 9.64
N ASP A 29 -0.42 -2.31 9.86
CA ASP A 29 0.30 -2.56 11.09
C ASP A 29 1.28 -1.46 11.42
N ARG A 30 2.07 -1.06 10.43
CA ARG A 30 3.08 -0.07 10.67
C ARG A 30 2.51 1.31 10.92
N GLU A 31 1.89 1.94 9.91
CA GLU A 31 1.52 3.37 10.10
C GLU A 31 0.66 3.94 9.01
N HIS A 32 -0.06 3.13 8.30
CA HIS A 32 -0.83 3.69 7.22
C HIS A 32 -2.30 3.74 7.51
N PHE A 33 -3.07 2.96 6.77
CA PHE A 33 -4.50 3.05 6.80
C PHE A 33 -5.10 1.67 6.91
N ALA A 34 -6.29 1.62 7.48
CA ALA A 34 -7.02 0.39 7.73
C ALA A 34 -7.42 -0.31 6.44
N TYR A 35 -7.34 0.40 5.34
CA TYR A 35 -7.74 -0.13 4.05
C TYR A 35 -6.59 -0.91 3.41
N GLY A 36 -5.45 -0.94 4.09
CA GLY A 36 -4.34 -1.72 3.65
C GLY A 36 -3.65 -1.13 2.46
N GLY A 37 -3.16 -1.99 1.61
CA GLY A 37 -2.44 -1.57 0.47
C GLY A 37 -2.21 -2.72 -0.43
N ALA A 38 -1.74 -2.44 -1.62
CA ALA A 38 -1.50 -3.47 -2.60
C ALA A 38 -0.31 -3.05 -3.45
N CYS A 39 0.22 -3.98 -4.19
CA CYS A 39 1.37 -3.70 -5.01
C CYS A 39 0.92 -2.97 -6.27
N HIS A 40 1.44 -1.77 -6.46
CA HIS A 40 1.10 -0.95 -7.61
C HIS A 40 2.40 -0.48 -8.24
N TYR A 41 2.54 -0.65 -9.55
CA TYR A 41 3.78 -0.30 -10.22
C TYR A 41 4.04 1.19 -10.24
N GLN A 42 5.28 1.52 -10.05
CA GLN A 42 5.80 2.84 -10.10
C GLN A 42 7.24 2.66 -10.47
N PHE A 43 7.85 3.61 -11.12
CA PHE A 43 9.26 3.51 -11.43
C PHE A 43 10.04 3.53 -10.09
N PRO A 44 11.08 2.69 -9.93
CA PRO A 44 11.55 1.74 -10.93
C PRO A 44 11.10 0.28 -10.68
N SER A 45 10.23 0.08 -9.71
CA SER A 45 9.75 -1.24 -9.39
C SER A 45 8.47 -1.08 -8.62
N VAL A 46 7.61 -2.06 -8.72
CA VAL A 46 6.32 -2.04 -8.09
C VAL A 46 6.44 -1.88 -6.58
N LYS A 47 5.75 -0.91 -6.06
CA LYS A 47 5.86 -0.53 -4.70
C LYS A 47 4.55 -0.85 -3.99
N CYS A 48 4.57 -0.86 -2.70
CA CYS A 48 3.39 -1.09 -1.92
C CYS A 48 2.65 0.23 -1.80
N PHE A 49 1.49 0.29 -2.40
CA PHE A 49 0.67 1.48 -2.34
C PHE A 49 -0.51 1.25 -1.45
N CYS A 50 -0.58 2.03 -0.44
CA CYS A 50 -1.61 1.92 0.53
C CYS A 50 -2.84 2.65 0.10
N LYS A 51 -3.95 2.14 0.52
CA LYS A 51 -5.22 2.71 0.20
C LYS A 51 -5.65 3.62 1.30
N ARG A 52 -5.58 4.88 1.03
CA ARG A 52 -6.02 5.84 2.01
C ARG A 52 -7.42 6.21 1.72
N GLN A 53 -8.11 6.67 2.71
CA GLN A 53 -9.46 7.06 2.53
C GLN A 53 -9.49 8.48 2.03
N CYS A 54 -10.25 8.70 1.01
CA CYS A 54 -10.39 10.01 0.48
C CYS A 54 -11.84 10.39 0.53
N ASP A 1 -15.95 2.44 -7.19
CA ASP A 1 -15.93 1.98 -5.80
C ASP A 1 -16.91 2.79 -5.01
N GLY A 2 -17.28 2.30 -3.86
CA GLY A 2 -18.15 3.04 -3.00
C GLY A 2 -17.36 4.09 -2.26
N VAL A 3 -16.36 3.64 -1.54
CA VAL A 3 -15.49 4.52 -0.81
C VAL A 3 -14.29 4.87 -1.71
N LYS A 4 -13.83 6.08 -1.63
CA LYS A 4 -12.78 6.56 -2.49
C LYS A 4 -11.44 6.39 -1.81
N LEU A 5 -10.71 5.39 -2.22
CA LEU A 5 -9.43 5.13 -1.63
C LEU A 5 -8.33 5.58 -2.55
N CYS A 6 -7.41 6.28 -2.00
CA CYS A 6 -6.28 6.80 -2.73
C CYS A 6 -5.05 5.95 -2.41
N ASP A 7 -4.38 5.48 -3.44
CA ASP A 7 -3.18 4.63 -3.27
C ASP A 7 -2.00 5.50 -2.85
N VAL A 8 -1.46 5.22 -1.69
CA VAL A 8 -0.36 5.96 -1.08
C VAL A 8 0.88 5.07 -1.04
N PRO A 9 2.02 5.52 -1.58
CA PRO A 9 3.26 4.75 -1.54
C PRO A 9 3.76 4.56 -0.11
N SER A 10 3.96 3.33 0.28
CA SER A 10 4.49 3.02 1.58
C SER A 10 6.00 3.21 1.51
N GLY A 11 6.47 4.27 2.16
CA GLY A 11 7.88 4.62 2.13
C GLY A 11 8.75 3.66 2.90
N THR A 12 8.13 2.83 3.70
CA THR A 12 8.83 1.86 4.48
C THR A 12 9.15 0.61 3.65
N TRP A 13 8.52 0.49 2.51
CA TRP A 13 8.72 -0.66 1.66
C TRP A 13 9.81 -0.32 0.65
N SER A 14 10.65 -1.26 0.37
CA SER A 14 11.70 -1.09 -0.56
C SER A 14 11.79 -2.30 -1.48
N GLY A 15 12.04 -2.07 -2.73
CA GLY A 15 12.17 -3.15 -3.66
C GLY A 15 10.87 -3.49 -4.31
N HIS A 16 10.79 -4.70 -4.80
CA HIS A 16 9.64 -5.20 -5.51
C HIS A 16 8.60 -5.69 -4.53
N CYS A 17 7.42 -5.16 -4.63
CA CYS A 17 6.32 -5.61 -3.83
C CYS A 17 5.69 -6.81 -4.51
N GLY A 18 5.99 -7.97 -4.00
CA GLY A 18 5.45 -9.18 -4.57
C GLY A 18 4.52 -9.86 -3.59
N SER A 19 4.13 -9.14 -2.58
CA SER A 19 3.26 -9.65 -1.57
C SER A 19 2.36 -8.54 -1.08
N SER A 20 1.11 -8.57 -1.49
CA SER A 20 0.18 -7.57 -1.07
C SER A 20 -0.30 -7.83 0.36
N SER A 21 -0.18 -9.06 0.81
CA SER A 21 -0.54 -9.40 2.16
C SER A 21 0.51 -8.84 3.13
N LYS A 22 1.78 -8.95 2.76
CA LYS A 22 2.84 -8.37 3.56
C LYS A 22 2.80 -6.86 3.45
N CYS A 23 2.46 -6.38 2.27
CA CYS A 23 2.27 -4.94 2.04
C CYS A 23 1.22 -4.39 3.00
N SER A 24 0.04 -4.97 2.98
CA SER A 24 -1.05 -4.53 3.83
C SER A 24 -0.72 -4.61 5.32
N GLN A 25 -0.17 -5.74 5.75
CA GLN A 25 0.17 -5.91 7.16
C GLN A 25 1.23 -4.91 7.63
N GLN A 26 2.27 -4.70 6.81
CA GLN A 26 3.33 -3.75 7.14
C GLN A 26 2.74 -2.36 7.16
N CYS A 27 1.95 -2.07 6.15
CA CYS A 27 1.26 -0.80 6.01
C CYS A 27 0.45 -0.48 7.26
N LYS A 28 -0.43 -1.42 7.67
CA LYS A 28 -1.30 -1.25 8.82
C LYS A 28 -0.51 -1.10 10.12
N ASP A 29 0.61 -1.80 10.20
CA ASP A 29 1.46 -1.71 11.39
C ASP A 29 2.20 -0.39 11.42
N ARG A 30 2.59 0.09 10.25
CA ARG A 30 3.25 1.39 10.15
C ARG A 30 2.26 2.50 10.46
N GLU A 31 1.14 2.50 9.76
CA GLU A 31 0.12 3.53 9.90
C GLU A 31 -1.23 2.86 9.84
N HIS A 32 -2.21 3.41 10.49
CA HIS A 32 -3.48 2.74 10.59
C HIS A 32 -4.37 2.97 9.40
N PHE A 33 -4.05 2.30 8.35
CA PHE A 33 -4.86 2.27 7.17
C PHE A 33 -5.79 1.07 7.26
N ALA A 34 -7.06 1.36 7.48
CA ALA A 34 -8.08 0.35 7.67
C ALA A 34 -8.23 -0.54 6.45
N TYR A 35 -7.96 0.03 5.30
CA TYR A 35 -8.08 -0.68 4.05
C TYR A 35 -6.75 -1.31 3.64
N GLY A 36 -5.74 -1.14 4.49
CA GLY A 36 -4.44 -1.74 4.23
C GLY A 36 -3.78 -1.21 2.99
N GLY A 37 -3.22 -2.10 2.22
CA GLY A 37 -2.50 -1.72 1.05
C GLY A 37 -2.21 -2.91 0.19
N ALA A 38 -1.79 -2.67 -1.01
CA ALA A 38 -1.47 -3.71 -1.95
C ALA A 38 -0.37 -3.23 -2.85
N CYS A 39 0.20 -4.11 -3.60
CA CYS A 39 1.30 -3.78 -4.47
C CYS A 39 0.78 -3.04 -5.73
N HIS A 40 1.46 -1.98 -6.11
CA HIS A 40 1.09 -1.21 -7.28
C HIS A 40 2.38 -0.70 -7.96
N TYR A 41 2.40 -0.70 -9.27
CA TYR A 41 3.56 -0.28 -10.03
C TYR A 41 3.52 1.22 -10.30
N GLN A 42 4.44 1.95 -9.73
CA GLN A 42 4.54 3.35 -10.05
C GLN A 42 5.83 3.62 -10.76
N PHE A 43 6.83 3.89 -10.01
CA PHE A 43 8.13 4.19 -10.51
C PHE A 43 9.16 3.93 -9.41
N PRO A 44 10.23 3.19 -9.69
CA PRO A 44 10.46 2.54 -10.97
C PRO A 44 10.01 1.08 -10.95
N SER A 45 9.48 0.65 -9.81
CA SER A 45 9.14 -0.73 -9.60
C SER A 45 7.74 -0.85 -8.97
N VAL A 46 7.32 -2.10 -8.72
CA VAL A 46 6.08 -2.38 -8.01
C VAL A 46 6.35 -2.10 -6.54
N LYS A 47 5.64 -1.17 -5.99
CA LYS A 47 5.86 -0.78 -4.62
C LYS A 47 4.58 -1.01 -3.82
N CYS A 48 4.66 -0.95 -2.52
CA CYS A 48 3.53 -1.15 -1.65
C CYS A 48 2.73 0.14 -1.57
N PHE A 49 1.45 0.07 -1.88
CA PHE A 49 0.57 1.22 -1.85
C PHE A 49 -0.61 0.99 -0.93
N CYS A 50 -0.69 1.80 0.08
CA CYS A 50 -1.75 1.77 1.05
C CYS A 50 -2.96 2.47 0.49
N LYS A 51 -4.13 1.98 0.77
CA LYS A 51 -5.32 2.60 0.29
C LYS A 51 -5.93 3.46 1.37
N ARG A 52 -5.72 4.76 1.29
CA ARG A 52 -6.24 5.66 2.30
C ARG A 52 -7.67 6.02 1.99
N GLN A 53 -8.45 6.15 3.02
CA GLN A 53 -9.84 6.45 2.90
C GLN A 53 -10.02 7.95 2.75
N CYS A 54 -10.12 8.40 1.52
CA CYS A 54 -10.21 9.82 1.21
C CYS A 54 -11.65 10.28 1.31
N ASP A 1 -19.50 3.87 -6.48
CA ASP A 1 -20.02 4.43 -5.24
C ASP A 1 -19.32 3.81 -4.08
N GLY A 2 -19.15 4.56 -3.04
CA GLY A 2 -18.51 4.07 -1.87
C GLY A 2 -17.29 4.84 -1.55
N VAL A 3 -16.38 4.24 -0.85
CA VAL A 3 -15.16 4.88 -0.50
C VAL A 3 -14.12 4.71 -1.59
N LYS A 4 -13.61 5.80 -2.08
CA LYS A 4 -12.55 5.77 -3.05
C LYS A 4 -11.25 5.80 -2.33
N LEU A 5 -10.33 4.98 -2.72
CA LEU A 5 -9.08 4.90 -2.01
C LEU A 5 -7.97 5.46 -2.84
N CYS A 6 -7.07 6.13 -2.20
CA CYS A 6 -5.93 6.71 -2.87
C CYS A 6 -4.69 5.92 -2.50
N ASP A 7 -3.89 5.58 -3.49
CA ASP A 7 -2.69 4.77 -3.29
C ASP A 7 -1.54 5.62 -2.85
N VAL A 8 -1.15 5.45 -1.62
CA VAL A 8 -0.05 6.19 -1.02
C VAL A 8 1.19 5.32 -1.07
N PRO A 9 2.29 5.82 -1.65
CA PRO A 9 3.54 5.07 -1.70
C PRO A 9 4.02 4.79 -0.30
N SER A 10 4.02 3.55 0.09
CA SER A 10 4.44 3.17 1.40
C SER A 10 5.94 3.40 1.55
N GLY A 11 6.30 4.40 2.33
CA GLY A 11 7.71 4.71 2.58
C GLY A 11 8.34 3.65 3.43
N THR A 12 7.49 2.88 4.08
CA THR A 12 7.88 1.78 4.88
C THR A 12 8.47 0.67 4.01
N TRP A 13 7.85 0.45 2.87
CA TRP A 13 8.24 -0.59 1.98
C TRP A 13 9.12 -0.03 0.87
N SER A 14 10.39 -0.18 1.03
CA SER A 14 11.31 0.26 0.05
C SER A 14 11.85 -0.98 -0.63
N GLY A 15 11.46 -1.18 -1.87
CA GLY A 15 11.88 -2.33 -2.59
C GLY A 15 10.75 -2.90 -3.40
N HIS A 16 10.94 -4.08 -3.92
CA HIS A 16 9.96 -4.76 -4.73
C HIS A 16 8.82 -5.28 -3.85
N CYS A 17 7.62 -5.00 -4.24
CA CYS A 17 6.46 -5.49 -3.56
C CYS A 17 5.96 -6.71 -4.30
N GLY A 18 6.34 -7.85 -3.84
CA GLY A 18 5.84 -9.07 -4.38
C GLY A 18 4.90 -9.72 -3.41
N SER A 19 5.21 -9.54 -2.14
CA SER A 19 4.43 -10.09 -1.07
C SER A 19 3.26 -9.13 -0.73
N SER A 20 2.12 -9.39 -1.33
CA SER A 20 0.95 -8.55 -1.23
C SER A 20 0.37 -8.52 0.20
N SER A 21 0.19 -9.68 0.81
CA SER A 21 -0.40 -9.77 2.14
C SER A 21 0.53 -9.13 3.16
N LYS A 22 1.83 -9.30 2.94
CA LYS A 22 2.84 -8.71 3.80
C LYS A 22 2.78 -7.20 3.71
N CYS A 23 2.64 -6.69 2.48
CA CYS A 23 2.44 -5.27 2.21
C CYS A 23 1.21 -4.74 2.97
N SER A 24 0.11 -5.48 2.88
CA SER A 24 -1.13 -5.09 3.55
C SER A 24 -0.93 -5.01 5.08
N GLN A 25 -0.42 -6.07 5.67
CA GLN A 25 -0.29 -6.14 7.11
C GLN A 25 0.75 -5.16 7.64
N GLN A 26 1.91 -5.07 6.98
CA GLN A 26 2.98 -4.16 7.42
C GLN A 26 2.48 -2.73 7.38
N CYS A 27 1.82 -2.37 6.30
CA CYS A 27 1.27 -1.03 6.15
C CYS A 27 0.24 -0.74 7.23
N LYS A 28 -0.65 -1.68 7.47
CA LYS A 28 -1.74 -1.51 8.41
C LYS A 28 -1.23 -1.52 9.88
N ASP A 29 -0.08 -2.12 10.11
CA ASP A 29 0.47 -2.15 11.46
C ASP A 29 1.36 -0.93 11.74
N ARG A 30 2.20 -0.57 10.79
CA ARG A 30 3.12 0.54 10.99
C ARG A 30 2.38 1.87 10.88
N GLU A 31 1.58 2.00 9.85
CA GLU A 31 0.76 3.16 9.67
C GLU A 31 -0.65 2.74 9.97
N HIS A 32 -1.61 3.60 9.88
CA HIS A 32 -2.95 3.13 10.11
C HIS A 32 -3.83 3.35 8.93
N PHE A 33 -3.81 2.39 8.05
CA PHE A 33 -4.67 2.36 6.91
C PHE A 33 -5.46 1.09 7.00
N ALA A 34 -6.76 1.22 7.11
CA ALA A 34 -7.64 0.09 7.35
C ALA A 34 -7.65 -0.88 6.19
N TYR A 35 -7.46 -0.34 5.01
CA TYR A 35 -7.48 -1.13 3.81
C TYR A 35 -6.06 -1.59 3.49
N GLY A 36 -5.15 -1.30 4.42
CA GLY A 36 -3.78 -1.67 4.31
C GLY A 36 -3.14 -1.13 3.07
N GLY A 37 -2.54 -2.00 2.35
CA GLY A 37 -1.88 -1.64 1.16
C GLY A 37 -1.86 -2.80 0.23
N ALA A 38 -1.46 -2.56 -0.97
CA ALA A 38 -1.33 -3.60 -1.97
C ALA A 38 -0.23 -3.19 -2.90
N CYS A 39 0.28 -4.12 -3.67
CA CYS A 39 1.35 -3.80 -4.56
C CYS A 39 0.78 -3.11 -5.80
N HIS A 40 1.41 -2.06 -6.21
CA HIS A 40 0.95 -1.28 -7.33
C HIS A 40 2.19 -0.82 -8.08
N TYR A 41 2.14 -0.80 -9.38
CA TYR A 41 3.27 -0.36 -10.15
C TYR A 41 3.19 1.11 -10.43
N GLN A 42 4.25 1.77 -10.13
CA GLN A 42 4.47 3.13 -10.45
C GLN A 42 5.90 3.19 -10.85
N PHE A 43 6.24 4.05 -11.80
CA PHE A 43 7.61 4.15 -12.26
C PHE A 43 8.57 4.37 -11.06
N PRO A 44 9.65 3.56 -10.94
CA PRO A 44 9.98 2.43 -11.81
C PRO A 44 9.93 1.06 -11.10
N SER A 45 9.04 0.89 -10.14
CA SER A 45 9.02 -0.34 -9.37
C SER A 45 7.63 -0.70 -8.88
N VAL A 46 7.41 -1.99 -8.67
CA VAL A 46 6.18 -2.43 -8.08
C VAL A 46 6.36 -2.24 -6.60
N LYS A 47 5.70 -1.26 -6.07
CA LYS A 47 5.89 -0.88 -4.71
C LYS A 47 4.61 -1.14 -3.93
N CYS A 48 4.70 -1.08 -2.64
CA CYS A 48 3.54 -1.25 -1.78
C CYS A 48 2.87 0.09 -1.69
N PHE A 49 1.60 0.12 -1.89
CA PHE A 49 0.84 1.32 -1.81
C PHE A 49 -0.31 1.16 -0.85
N CYS A 50 -0.24 1.91 0.20
CA CYS A 50 -1.26 1.96 1.20
C CYS A 50 -2.48 2.66 0.66
N LYS A 51 -3.62 2.10 0.87
CA LYS A 51 -4.84 2.65 0.36
C LYS A 51 -5.56 3.44 1.42
N ARG A 52 -5.49 4.75 1.29
CA ARG A 52 -6.12 5.64 2.22
C ARG A 52 -7.53 5.92 1.78
N GLN A 53 -8.38 6.16 2.72
CA GLN A 53 -9.76 6.43 2.44
C GLN A 53 -9.93 7.89 2.04
N CYS A 54 -10.31 8.10 0.81
CA CYS A 54 -10.56 9.41 0.30
C CYS A 54 -12.05 9.53 0.03
N ASP A 1 -13.86 -1.34 -3.45
CA ASP A 1 -14.51 -1.04 -2.17
C ASP A 1 -15.42 0.14 -2.34
N GLY A 2 -16.52 0.15 -1.59
CA GLY A 2 -17.50 1.23 -1.66
C GLY A 2 -16.93 2.54 -1.18
N VAL A 3 -16.03 2.46 -0.25
CA VAL A 3 -15.32 3.64 0.20
C VAL A 3 -14.28 4.01 -0.85
N LYS A 4 -14.26 5.26 -1.23
CA LYS A 4 -13.31 5.73 -2.21
C LYS A 4 -11.96 5.87 -1.57
N LEU A 5 -10.98 5.20 -2.12
CA LEU A 5 -9.67 5.20 -1.53
C LEU A 5 -8.68 5.79 -2.51
N CYS A 6 -7.67 6.40 -1.98
CA CYS A 6 -6.64 6.99 -2.81
C CYS A 6 -5.33 6.28 -2.53
N ASP A 7 -4.50 6.13 -3.54
CA ASP A 7 -3.25 5.37 -3.40
C ASP A 7 -2.13 6.29 -2.96
N VAL A 8 -1.41 5.88 -1.95
CA VAL A 8 -0.24 6.63 -1.47
C VAL A 8 0.96 5.67 -1.35
N PRO A 9 2.13 6.04 -1.86
CA PRO A 9 3.32 5.19 -1.76
C PRO A 9 3.77 5.04 -0.30
N SER A 10 3.88 3.82 0.16
CA SER A 10 4.35 3.57 1.50
C SER A 10 5.87 3.59 1.49
N GLY A 11 6.44 4.57 2.15
CA GLY A 11 7.87 4.75 2.15
C GLY A 11 8.61 3.77 3.01
N THR A 12 7.92 3.15 3.95
CA THR A 12 8.54 2.23 4.86
C THR A 12 8.40 0.75 4.42
N TRP A 13 8.12 0.58 3.14
CA TRP A 13 8.07 -0.73 2.53
C TRP A 13 9.44 -1.02 1.90
N SER A 14 9.90 -2.23 2.01
CA SER A 14 11.21 -2.58 1.52
C SER A 14 11.16 -3.08 0.06
N GLY A 15 11.50 -2.18 -0.86
CA GLY A 15 11.64 -2.51 -2.26
C GLY A 15 10.37 -2.92 -2.97
N HIS A 16 10.43 -4.08 -3.58
CA HIS A 16 9.39 -4.62 -4.42
C HIS A 16 8.22 -5.15 -3.59
N CYS A 17 7.05 -4.85 -4.05
CA CYS A 17 5.83 -5.34 -3.47
C CYS A 17 5.37 -6.51 -4.34
N GLY A 18 5.45 -7.72 -3.82
CA GLY A 18 5.08 -8.87 -4.60
C GLY A 18 3.85 -9.56 -4.08
N SER A 19 3.23 -8.97 -3.10
CA SER A 19 2.03 -9.51 -2.50
C SER A 19 1.21 -8.36 -1.89
N SER A 20 0.09 -8.04 -2.50
CA SER A 20 -0.75 -6.94 -2.06
C SER A 20 -1.29 -7.14 -0.63
N SER A 21 -1.48 -8.39 -0.24
CA SER A 21 -1.95 -8.69 1.07
C SER A 21 -0.83 -8.48 2.11
N LYS A 22 0.43 -8.70 1.71
CA LYS A 22 1.55 -8.40 2.60
C LYS A 22 1.66 -6.90 2.73
N CYS A 23 1.41 -6.22 1.62
CA CYS A 23 1.39 -4.76 1.54
C CYS A 23 0.37 -4.20 2.51
N SER A 24 -0.87 -4.68 2.43
CA SER A 24 -1.92 -4.22 3.31
C SER A 24 -1.60 -4.49 4.76
N GLN A 25 -1.18 -5.72 5.06
CA GLN A 25 -0.87 -6.12 6.43
C GLN A 25 0.21 -5.21 7.02
N GLN A 26 1.30 -5.04 6.28
CA GLN A 26 2.41 -4.25 6.76
C GLN A 26 2.04 -2.80 6.87
N CYS A 27 1.35 -2.28 5.88
CA CYS A 27 0.90 -0.89 5.86
C CYS A 27 0.09 -0.55 7.13
N LYS A 28 -0.85 -1.45 7.47
CA LYS A 28 -1.72 -1.33 8.65
C LYS A 28 -0.89 -1.39 9.92
N ASP A 29 0.02 -2.34 9.96
CA ASP A 29 0.89 -2.55 11.12
C ASP A 29 1.87 -1.39 11.28
N ARG A 30 2.31 -0.87 10.16
CA ARG A 30 3.25 0.22 10.09
C ARG A 30 2.72 1.55 10.54
N GLU A 31 1.98 2.26 9.67
CA GLU A 31 1.72 3.68 9.97
C GLU A 31 0.68 4.32 9.07
N HIS A 32 -0.13 3.54 8.42
CA HIS A 32 -1.06 4.16 7.53
C HIS A 32 -2.52 3.98 7.87
N PHE A 33 -3.17 3.01 7.24
CA PHE A 33 -4.63 2.93 7.31
C PHE A 33 -5.04 1.48 7.41
N ALA A 34 -6.22 1.24 7.95
CA ALA A 34 -6.77 -0.10 8.11
C ALA A 34 -7.13 -0.71 6.78
N TYR A 35 -7.18 0.13 5.75
CA TYR A 35 -7.46 -0.32 4.39
C TYR A 35 -6.24 -1.01 3.80
N GLY A 36 -5.09 -0.75 4.40
CA GLY A 36 -3.87 -1.36 3.93
C GLY A 36 -3.40 -0.73 2.64
N GLY A 37 -3.05 -1.57 1.69
CA GLY A 37 -2.52 -1.12 0.45
C GLY A 37 -2.48 -2.22 -0.55
N ALA A 38 -1.99 -1.92 -1.72
CA ALA A 38 -1.86 -2.88 -2.79
C ALA A 38 -0.55 -2.63 -3.53
N CYS A 39 -0.09 -3.62 -4.26
CA CYS A 39 1.16 -3.47 -4.99
C CYS A 39 0.92 -2.77 -6.33
N HIS A 40 1.45 -1.59 -6.47
CA HIS A 40 1.31 -0.82 -7.69
C HIS A 40 2.70 -0.57 -8.25
N TYR A 41 2.84 -0.68 -9.56
CA TYR A 41 4.14 -0.56 -10.19
C TYR A 41 4.59 0.88 -10.20
N GLN A 42 5.65 1.13 -9.48
CA GLN A 42 6.27 2.41 -9.43
C GLN A 42 7.59 2.26 -10.16
N PHE A 43 8.10 3.30 -10.71
CA PHE A 43 9.36 3.20 -11.38
C PHE A 43 10.47 3.46 -10.35
N PRO A 44 11.50 2.59 -10.29
CA PRO A 44 11.66 1.43 -11.16
C PRO A 44 11.08 0.12 -10.60
N SER A 45 10.63 0.10 -9.36
CA SER A 45 10.12 -1.12 -8.78
C SER A 45 8.74 -0.97 -8.11
N VAL A 46 7.91 -2.01 -8.26
CA VAL A 46 6.57 -2.08 -7.68
C VAL A 46 6.61 -1.80 -6.18
N LYS A 47 5.82 -0.86 -5.75
CA LYS A 47 5.85 -0.42 -4.38
C LYS A 47 4.49 -0.67 -3.74
N CYS A 48 4.48 -0.71 -2.45
CA CYS A 48 3.26 -0.86 -1.68
C CYS A 48 2.56 0.49 -1.63
N PHE A 49 1.40 0.56 -2.22
CA PHE A 49 0.62 1.77 -2.21
C PHE A 49 -0.54 1.60 -1.30
N CYS A 50 -0.50 2.31 -0.20
CA CYS A 50 -1.52 2.26 0.80
C CYS A 50 -2.74 3.02 0.33
N LYS A 51 -3.87 2.58 0.77
CA LYS A 51 -5.10 3.17 0.33
C LYS A 51 -5.73 3.97 1.43
N ARG A 52 -5.72 5.27 1.27
CA ARG A 52 -6.30 6.16 2.25
C ARG A 52 -7.75 6.36 1.99
N GLN A 53 -8.48 6.65 3.02
CA GLN A 53 -9.89 6.87 2.92
C GLN A 53 -10.12 8.27 2.37
N CYS A 54 -10.87 8.37 1.32
CA CYS A 54 -11.12 9.64 0.72
C CYS A 54 -12.62 9.86 0.61
N ASP A 1 -18.92 1.26 0.44
CA ASP A 1 -18.10 0.45 -0.49
C ASP A 1 -17.45 1.32 -1.53
N GLY A 2 -18.23 2.23 -2.10
CA GLY A 2 -17.74 3.13 -3.11
C GLY A 2 -16.90 4.23 -2.52
N VAL A 3 -15.68 3.89 -2.25
CA VAL A 3 -14.75 4.80 -1.67
C VAL A 3 -13.58 4.95 -2.60
N LYS A 4 -13.21 6.15 -2.90
CA LYS A 4 -12.07 6.41 -3.72
C LYS A 4 -10.86 6.40 -2.81
N LEU A 5 -9.88 5.64 -3.17
CA LEU A 5 -8.70 5.54 -2.35
C LEU A 5 -7.54 6.15 -3.09
N CYS A 6 -6.54 6.49 -2.36
CA CYS A 6 -5.35 7.06 -2.94
C CYS A 6 -4.16 6.24 -2.49
N ASP A 7 -3.20 6.07 -3.38
CA ASP A 7 -2.01 5.26 -3.11
C ASP A 7 -0.97 6.06 -2.37
N VAL A 8 -0.58 5.58 -1.23
CA VAL A 8 0.45 6.17 -0.42
C VAL A 8 1.66 5.23 -0.43
N PRO A 9 2.76 5.62 -1.07
CA PRO A 9 3.95 4.79 -1.14
C PRO A 9 4.53 4.53 0.25
N SER A 10 4.57 3.28 0.63
CA SER A 10 5.07 2.87 1.91
C SER A 10 6.58 3.10 1.98
N GLY A 11 7.01 4.06 2.78
CA GLY A 11 8.42 4.41 2.89
C GLY A 11 9.26 3.28 3.43
N THR A 12 8.66 2.43 4.22
CA THR A 12 9.34 1.33 4.84
C THR A 12 9.61 0.16 3.88
N TRP A 13 8.87 0.08 2.79
CA TRP A 13 9.05 -1.00 1.84
C TRP A 13 9.76 -0.46 0.62
N SER A 14 10.95 -0.88 0.41
CA SER A 14 11.72 -0.48 -0.73
C SER A 14 12.14 -1.72 -1.48
N GLY A 15 12.34 -1.60 -2.77
CA GLY A 15 12.78 -2.73 -3.55
C GLY A 15 11.68 -3.27 -4.41
N HIS A 16 11.17 -4.42 -4.07
CA HIS A 16 10.14 -5.07 -4.82
C HIS A 16 9.02 -5.51 -3.89
N CYS A 17 7.82 -5.19 -4.24
CA CYS A 17 6.69 -5.63 -3.46
C CYS A 17 6.15 -6.88 -4.10
N GLY A 18 6.51 -8.02 -3.54
CA GLY A 18 6.03 -9.26 -4.05
C GLY A 18 5.26 -10.03 -3.01
N SER A 19 4.49 -9.32 -2.22
CA SER A 19 3.68 -9.91 -1.19
C SER A 19 2.45 -9.02 -0.92
N SER A 20 1.35 -9.38 -1.54
CA SER A 20 0.13 -8.59 -1.48
C SER A 20 -0.41 -8.47 -0.05
N SER A 21 -0.43 -9.59 0.67
CA SER A 21 -0.95 -9.63 2.03
C SER A 21 -0.04 -8.83 2.96
N LYS A 22 1.25 -8.95 2.75
CA LYS A 22 2.21 -8.27 3.59
C LYS A 22 2.25 -6.79 3.35
N CYS A 23 1.91 -6.37 2.15
CA CYS A 23 1.83 -4.96 1.85
C CYS A 23 0.65 -4.36 2.62
N SER A 24 -0.47 -5.08 2.62
CA SER A 24 -1.65 -4.67 3.35
C SER A 24 -1.31 -4.63 4.86
N GLN A 25 -0.67 -5.70 5.32
CA GLN A 25 -0.24 -5.85 6.71
C GLN A 25 0.65 -4.68 7.12
N GLN A 26 1.66 -4.38 6.31
CA GLN A 26 2.61 -3.31 6.59
C GLN A 26 1.89 -1.98 6.77
N CYS A 27 0.97 -1.70 5.87
CA CYS A 27 0.23 -0.46 5.91
C CYS A 27 -0.67 -0.37 7.12
N LYS A 28 -1.27 -1.49 7.51
CA LYS A 28 -2.13 -1.53 8.69
C LYS A 28 -1.29 -1.51 9.97
N ASP A 29 -0.05 -1.91 9.84
CA ASP A 29 0.89 -1.95 10.95
C ASP A 29 1.50 -0.58 11.20
N ARG A 30 2.07 -0.01 10.17
CA ARG A 30 2.75 1.26 10.25
C ARG A 30 1.73 2.40 10.35
N GLU A 31 0.79 2.39 9.44
CA GLU A 31 -0.21 3.44 9.37
C GLU A 31 -1.50 2.83 9.90
N HIS A 32 -2.58 3.53 9.76
CA HIS A 32 -3.84 2.95 10.10
C HIS A 32 -4.78 3.15 8.94
N PHE A 33 -4.74 2.21 8.04
CA PHE A 33 -5.63 2.19 6.90
C PHE A 33 -6.28 0.84 6.83
N ALA A 34 -7.58 0.80 7.00
CA ALA A 34 -8.35 -0.44 7.00
C ALA A 34 -8.39 -1.06 5.61
N TYR A 35 -8.02 -0.29 4.63
CA TYR A 35 -7.97 -0.75 3.26
C TYR A 35 -6.63 -1.41 2.96
N GLY A 36 -5.70 -1.27 3.89
CA GLY A 36 -4.40 -1.86 3.76
C GLY A 36 -3.54 -1.19 2.72
N GLY A 37 -3.03 -1.97 1.82
CA GLY A 37 -2.14 -1.51 0.80
C GLY A 37 -1.87 -2.65 -0.13
N ALA A 38 -1.45 -2.36 -1.31
CA ALA A 38 -1.23 -3.39 -2.28
C ALA A 38 0.02 -3.11 -3.07
N CYS A 39 0.61 -4.16 -3.60
CA CYS A 39 1.77 -4.04 -4.43
C CYS A 39 1.33 -3.47 -5.75
N HIS A 40 1.76 -2.27 -6.03
CA HIS A 40 1.30 -1.56 -7.17
C HIS A 40 2.50 -1.05 -7.96
N TYR A 41 2.52 -1.33 -9.25
CA TYR A 41 3.53 -0.81 -10.10
C TYR A 41 3.09 0.53 -10.55
N GLN A 42 3.35 1.51 -9.76
CA GLN A 42 3.00 2.81 -10.14
C GLN A 42 4.19 3.52 -10.66
N PHE A 43 5.05 3.79 -9.78
CA PHE A 43 6.24 4.52 -10.05
C PHE A 43 7.19 4.30 -8.89
N PRO A 44 8.47 3.99 -9.12
CA PRO A 44 9.03 3.72 -10.44
C PRO A 44 9.09 2.21 -10.70
N SER A 45 8.62 1.46 -9.73
CA SER A 45 8.63 0.02 -9.71
C SER A 45 7.36 -0.42 -8.98
N VAL A 46 7.16 -1.72 -8.84
CA VAL A 46 6.05 -2.20 -8.04
C VAL A 46 6.42 -2.22 -6.58
N LYS A 47 5.92 -1.25 -5.91
CA LYS A 47 6.24 -1.00 -4.55
C LYS A 47 4.97 -1.13 -3.74
N CYS A 48 5.08 -1.12 -2.45
CA CYS A 48 3.93 -1.23 -1.60
C CYS A 48 3.28 0.15 -1.51
N PHE A 49 2.02 0.21 -1.84
CA PHE A 49 1.26 1.43 -1.78
C PHE A 49 0.04 1.25 -0.91
N CYS A 50 0.02 1.95 0.18
CA CYS A 50 -1.07 1.92 1.13
C CYS A 50 -2.27 2.64 0.54
N LYS A 51 -3.44 2.21 0.86
CA LYS A 51 -4.63 2.81 0.33
C LYS A 51 -5.28 3.69 1.36
N ARG A 52 -5.22 4.98 1.15
CA ARG A 52 -5.84 5.91 2.06
C ARG A 52 -7.23 6.23 1.59
N GLN A 53 -8.10 6.53 2.52
CA GLN A 53 -9.46 6.87 2.22
C GLN A 53 -9.52 8.30 1.72
N CYS A 54 -10.01 8.50 0.54
CA CYS A 54 -10.15 9.83 0.01
C CYS A 54 -11.61 10.09 -0.29
N ASP A 1 -17.46 -0.11 -2.93
CA ASP A 1 -18.03 0.82 -1.95
C ASP A 1 -17.99 2.21 -2.47
N GLY A 2 -18.70 3.09 -1.79
CA GLY A 2 -18.78 4.47 -2.18
C GLY A 2 -17.59 5.26 -1.70
N VAL A 3 -16.99 4.80 -0.61
CA VAL A 3 -15.82 5.45 -0.04
C VAL A 3 -14.66 5.45 -1.04
N LYS A 4 -14.07 6.58 -1.24
CA LYS A 4 -12.95 6.69 -2.13
C LYS A 4 -11.71 6.46 -1.33
N LEU A 5 -10.78 5.75 -1.88
CA LEU A 5 -9.59 5.45 -1.16
C LEU A 5 -8.41 5.97 -1.93
N CYS A 6 -7.49 6.51 -1.25
CA CYS A 6 -6.30 7.05 -1.87
C CYS A 6 -5.18 6.05 -1.71
N ASP A 7 -4.61 5.65 -2.82
CA ASP A 7 -3.51 4.71 -2.87
C ASP A 7 -2.22 5.46 -2.59
N VAL A 8 -1.76 5.38 -1.38
CA VAL A 8 -0.60 6.13 -0.93
C VAL A 8 0.65 5.26 -1.03
N PRO A 9 1.67 5.72 -1.79
CA PRO A 9 2.92 4.98 -1.95
C PRO A 9 3.66 4.87 -0.61
N SER A 10 3.87 3.65 -0.19
CA SER A 10 4.61 3.37 1.01
C SER A 10 6.05 3.84 0.87
N GLY A 11 6.47 4.69 1.78
CA GLY A 11 7.82 5.19 1.75
C GLY A 11 8.77 4.20 2.34
N THR A 12 8.29 3.49 3.35
CA THR A 12 9.11 2.50 3.98
C THR A 12 9.27 1.26 3.11
N TRP A 13 8.21 0.83 2.40
CA TRP A 13 8.32 -0.33 1.56
C TRP A 13 9.12 0.02 0.34
N SER A 14 10.26 -0.58 0.23
CA SER A 14 11.14 -0.30 -0.84
C SER A 14 11.64 -1.58 -1.49
N GLY A 15 11.91 -1.51 -2.77
CA GLY A 15 12.45 -2.66 -3.46
C GLY A 15 11.41 -3.33 -4.33
N HIS A 16 11.01 -4.50 -3.93
CA HIS A 16 10.08 -5.28 -4.68
C HIS A 16 8.97 -5.76 -3.77
N CYS A 17 7.83 -6.05 -4.33
CA CYS A 17 6.72 -6.56 -3.60
C CYS A 17 6.10 -7.69 -4.36
N GLY A 18 6.28 -8.89 -3.88
CA GLY A 18 5.70 -10.04 -4.50
C GLY A 18 4.40 -10.42 -3.83
N SER A 19 4.31 -10.10 -2.55
CA SER A 19 3.14 -10.40 -1.77
C SER A 19 2.52 -9.09 -1.24
N SER A 20 1.50 -8.62 -1.91
CA SER A 20 0.83 -7.38 -1.57
C SER A 20 0.19 -7.41 -0.18
N SER A 21 -0.19 -8.58 0.30
CA SER A 21 -0.81 -8.67 1.60
C SER A 21 0.23 -8.43 2.72
N LYS A 22 1.50 -8.49 2.38
CA LYS A 22 2.56 -8.22 3.33
C LYS A 22 2.68 -6.73 3.55
N CYS A 23 2.61 -5.96 2.48
CA CYS A 23 2.71 -4.51 2.62
C CYS A 23 1.39 -3.99 3.17
N SER A 24 0.30 -4.68 2.84
CA SER A 24 -1.00 -4.40 3.37
C SER A 24 -0.94 -4.56 4.89
N GLN A 25 -0.33 -5.67 5.34
CA GLN A 25 -0.16 -5.93 6.75
C GLN A 25 0.71 -4.84 7.36
N GLN A 26 1.81 -4.52 6.69
CA GLN A 26 2.72 -3.45 7.10
C GLN A 26 1.94 -2.16 7.34
N CYS A 27 1.19 -1.73 6.35
CA CYS A 27 0.43 -0.51 6.45
C CYS A 27 -0.68 -0.59 7.49
N LYS A 28 -1.41 -1.70 7.53
CA LYS A 28 -2.49 -1.83 8.53
C LYS A 28 -1.94 -1.93 9.96
N ASP A 29 -0.71 -2.36 10.08
CA ASP A 29 -0.09 -2.52 11.39
C ASP A 29 0.60 -1.25 11.85
N ARG A 30 1.56 -0.80 11.04
CA ARG A 30 2.38 0.35 11.40
C ARG A 30 1.59 1.63 11.24
N GLU A 31 0.80 1.70 10.21
CA GLU A 31 0.12 2.90 9.84
C GLU A 31 -1.36 2.77 10.09
N HIS A 32 -2.10 3.76 9.65
CA HIS A 32 -3.53 3.80 9.83
C HIS A 32 -4.27 3.45 8.54
N PHE A 33 -3.64 2.66 7.70
CA PHE A 33 -4.26 2.29 6.43
C PHE A 33 -5.05 1.03 6.60
N ALA A 34 -6.21 1.17 7.21
CA ALA A 34 -7.08 0.03 7.54
C ALA A 34 -7.61 -0.67 6.30
N TYR A 35 -7.54 0.01 5.17
CA TYR A 35 -8.02 -0.55 3.93
C TYR A 35 -6.96 -1.39 3.26
N GLY A 36 -5.78 -1.44 3.84
CA GLY A 36 -4.71 -2.24 3.32
C GLY A 36 -3.98 -1.55 2.21
N GLY A 37 -3.32 -2.32 1.38
CA GLY A 37 -2.58 -1.77 0.29
C GLY A 37 -2.38 -2.78 -0.78
N ALA A 38 -1.90 -2.34 -1.92
CA ALA A 38 -1.65 -3.21 -3.03
C ALA A 38 -0.38 -2.78 -3.72
N CYS A 39 0.29 -3.70 -4.31
CA CYS A 39 1.55 -3.43 -4.94
C CYS A 39 1.39 -3.34 -6.43
N HIS A 40 2.05 -2.38 -7.00
CA HIS A 40 2.02 -2.16 -8.42
C HIS A 40 3.39 -1.65 -8.82
N TYR A 41 3.86 -2.05 -9.95
CA TYR A 41 5.14 -1.58 -10.41
C TYR A 41 5.06 -0.16 -10.89
N GLN A 42 5.95 0.63 -10.44
CA GLN A 42 6.11 1.95 -10.86
C GLN A 42 7.58 2.14 -11.00
N PHE A 43 8.01 2.95 -11.90
CA PHE A 43 9.42 3.15 -12.05
C PHE A 43 10.00 3.76 -10.76
N PRO A 44 11.11 3.22 -10.21
CA PRO A 44 11.85 2.08 -10.77
C PRO A 44 11.66 0.75 -9.98
N SER A 45 10.69 0.70 -9.09
CA SER A 45 10.54 -0.44 -8.20
C SER A 45 9.06 -0.74 -7.89
N VAL A 46 8.76 -1.96 -7.47
CA VAL A 46 7.39 -2.32 -7.15
C VAL A 46 6.99 -1.66 -5.85
N LYS A 47 6.07 -0.75 -5.94
CA LYS A 47 5.69 0.05 -4.83
C LYS A 47 4.35 -0.42 -4.30
N CYS A 48 4.19 -0.38 -3.01
CA CYS A 48 2.94 -0.69 -2.41
C CYS A 48 2.21 0.60 -2.16
N PHE A 49 1.00 0.65 -2.58
CA PHE A 49 0.18 1.78 -2.40
C PHE A 49 -0.92 1.40 -1.42
N CYS A 50 -0.80 1.93 -0.24
CA CYS A 50 -1.71 1.64 0.83
C CYS A 50 -2.88 2.62 0.81
N LYS A 51 -4.05 2.11 0.98
CA LYS A 51 -5.26 2.87 0.82
C LYS A 51 -5.76 3.49 2.10
N ARG A 52 -5.87 4.79 2.08
CA ARG A 52 -6.52 5.49 3.16
C ARG A 52 -7.86 5.99 2.66
N GLN A 53 -8.80 6.09 3.55
CA GLN A 53 -10.12 6.52 3.18
C GLN A 53 -10.12 8.01 2.95
N CYS A 54 -10.61 8.41 1.81
CA CYS A 54 -10.68 9.79 1.47
C CYS A 54 -12.12 10.14 1.15
N ASP A 1 -17.51 -1.13 0.40
CA ASP A 1 -18.14 0.20 0.22
C ASP A 1 -17.54 0.84 -0.98
N GLY A 2 -18.19 1.88 -1.47
CA GLY A 2 -17.71 2.59 -2.63
C GLY A 2 -16.75 3.69 -2.27
N VAL A 3 -16.11 3.54 -1.11
CA VAL A 3 -15.14 4.50 -0.61
C VAL A 3 -13.99 4.65 -1.61
N LYS A 4 -13.61 5.87 -1.86
CA LYS A 4 -12.55 6.15 -2.78
C LYS A 4 -11.26 6.11 -2.03
N LEU A 5 -10.39 5.24 -2.43
CA LEU A 5 -9.15 5.11 -1.74
C LEU A 5 -8.03 5.68 -2.55
N CYS A 6 -7.27 6.48 -1.91
CA CYS A 6 -6.13 7.11 -2.53
C CYS A 6 -4.89 6.31 -2.22
N ASP A 7 -4.02 6.18 -3.19
CA ASP A 7 -2.82 5.37 -3.06
C ASP A 7 -1.64 6.20 -2.60
N VAL A 8 -1.20 5.91 -1.42
CA VAL A 8 -0.08 6.59 -0.79
C VAL A 8 1.16 5.70 -0.86
N PRO A 9 2.20 6.14 -1.58
CA PRO A 9 3.45 5.35 -1.74
C PRO A 9 4.08 5.02 -0.39
N SER A 10 4.33 3.76 -0.17
CA SER A 10 4.91 3.33 1.06
C SER A 10 6.40 3.63 1.11
N GLY A 11 6.80 4.35 2.12
CA GLY A 11 8.20 4.62 2.35
C GLY A 11 8.73 3.65 3.37
N THR A 12 7.81 3.07 4.13
CA THR A 12 8.14 2.10 5.13
C THR A 12 8.36 0.72 4.46
N TRP A 13 8.02 0.66 3.19
CA TRP A 13 8.30 -0.49 2.39
C TRP A 13 9.36 -0.06 1.41
N SER A 14 10.42 -0.80 1.33
CA SER A 14 11.47 -0.43 0.44
C SER A 14 11.72 -1.50 -0.61
N GLY A 15 11.72 -1.09 -1.85
CA GLY A 15 12.01 -1.98 -2.93
C GLY A 15 10.78 -2.54 -3.59
N HIS A 16 10.90 -3.75 -4.05
CA HIS A 16 9.86 -4.42 -4.77
C HIS A 16 8.87 -5.08 -3.82
N CYS A 17 7.63 -4.93 -4.14
CA CYS A 17 6.57 -5.58 -3.43
C CYS A 17 6.09 -6.77 -4.23
N GLY A 18 6.25 -7.95 -3.67
CA GLY A 18 5.85 -9.14 -4.37
C GLY A 18 4.56 -9.70 -3.81
N SER A 19 4.00 -9.03 -2.83
CA SER A 19 2.78 -9.46 -2.22
C SER A 19 2.01 -8.27 -1.71
N SER A 20 0.86 -8.04 -2.31
CA SER A 20 0.02 -6.95 -1.89
C SER A 20 -0.53 -7.20 -0.49
N SER A 21 -0.69 -8.47 -0.11
CA SER A 21 -1.24 -8.79 1.19
C SER A 21 -0.19 -8.56 2.30
N LYS A 22 1.09 -8.92 2.04
CA LYS A 22 2.15 -8.69 3.02
C LYS A 22 2.23 -7.21 3.36
N CYS A 23 2.27 -6.40 2.33
CA CYS A 23 2.37 -4.99 2.53
C CYS A 23 1.09 -4.42 3.12
N SER A 24 -0.04 -5.03 2.79
CA SER A 24 -1.31 -4.58 3.32
C SER A 24 -1.30 -4.70 4.82
N GLN A 25 -0.88 -5.85 5.33
CA GLN A 25 -0.84 -6.07 6.75
C GLN A 25 0.24 -5.23 7.39
N GLN A 26 1.36 -5.07 6.71
CA GLN A 26 2.44 -4.23 7.23
C GLN A 26 1.96 -2.81 7.40
N CYS A 27 1.41 -2.25 6.36
CA CYS A 27 0.96 -0.87 6.38
C CYS A 27 -0.25 -0.69 7.28
N LYS A 28 -1.15 -1.67 7.29
CA LYS A 28 -2.34 -1.61 8.13
C LYS A 28 -1.97 -1.66 9.61
N ASP A 29 -0.97 -2.45 9.95
CA ASP A 29 -0.55 -2.58 11.34
C ASP A 29 0.35 -1.44 11.77
N ARG A 30 1.23 -1.02 10.91
CA ARG A 30 2.17 0.01 11.24
C ARG A 30 1.54 1.40 11.17
N GLU A 31 0.77 1.64 10.13
CA GLU A 31 0.16 2.94 9.88
C GLU A 31 -1.35 2.88 10.17
N HIS A 32 -2.10 3.88 9.72
CA HIS A 32 -3.55 3.97 10.04
C HIS A 32 -4.43 3.53 8.85
N PHE A 33 -3.87 2.76 7.96
CA PHE A 33 -4.58 2.39 6.76
C PHE A 33 -5.39 1.14 6.98
N ALA A 34 -6.68 1.33 7.17
CA ALA A 34 -7.62 0.24 7.42
C ALA A 34 -7.67 -0.74 6.26
N TYR A 35 -7.46 -0.21 5.08
CA TYR A 35 -7.51 -1.00 3.87
C TYR A 35 -6.11 -1.45 3.47
N GLY A 36 -5.16 -1.18 4.37
CA GLY A 36 -3.79 -1.55 4.17
C GLY A 36 -3.20 -0.91 2.96
N GLY A 37 -2.69 -1.72 2.08
CA GLY A 37 -2.08 -1.25 0.91
C GLY A 37 -2.07 -2.31 -0.14
N ALA A 38 -1.80 -1.94 -1.33
CA ALA A 38 -1.69 -2.85 -2.42
C ALA A 38 -0.51 -2.42 -3.25
N CYS A 39 -0.01 -3.27 -4.06
CA CYS A 39 1.19 -2.95 -4.77
C CYS A 39 0.92 -2.72 -6.24
N HIS A 40 1.51 -1.68 -6.78
CA HIS A 40 1.27 -1.24 -8.14
C HIS A 40 2.62 -0.90 -8.76
N TYR A 41 2.69 -0.94 -10.07
CA TYR A 41 3.92 -0.64 -10.75
C TYR A 41 4.23 0.85 -10.77
N GLN A 42 5.47 1.13 -10.52
CA GLN A 42 6.04 2.40 -10.62
C GLN A 42 7.47 2.15 -10.98
N PHE A 43 8.03 2.96 -11.83
CA PHE A 43 9.41 2.78 -12.21
C PHE A 43 10.29 3.01 -10.98
N PRO A 44 11.31 2.16 -10.74
CA PRO A 44 11.63 1.02 -11.59
C PRO A 44 11.01 -0.33 -11.16
N SER A 45 10.54 -0.42 -9.93
CA SER A 45 10.02 -1.67 -9.42
C SER A 45 8.63 -1.50 -8.80
N VAL A 46 7.82 -2.55 -8.89
CA VAL A 46 6.48 -2.58 -8.29
C VAL A 46 6.56 -2.24 -6.81
N LYS A 47 5.94 -1.16 -6.44
CA LYS A 47 6.03 -0.65 -5.10
C LYS A 47 4.67 -0.76 -4.43
N CYS A 48 4.65 -0.65 -3.14
CA CYS A 48 3.44 -0.73 -2.39
C CYS A 48 2.86 0.64 -2.17
N PHE A 49 1.56 0.73 -2.24
CA PHE A 49 0.85 1.94 -2.04
C PHE A 49 -0.29 1.68 -1.07
N CYS A 50 -0.26 2.35 0.03
CA CYS A 50 -1.26 2.21 1.05
C CYS A 50 -2.51 2.95 0.63
N LYS A 51 -3.66 2.43 0.97
CA LYS A 51 -4.89 2.98 0.47
C LYS A 51 -5.67 3.67 1.58
N ARG A 52 -5.70 4.99 1.55
CA ARG A 52 -6.41 5.79 2.56
C ARG A 52 -7.80 6.18 2.06
N GLN A 53 -8.68 6.48 3.01
CA GLN A 53 -10.04 6.87 2.72
C GLN A 53 -10.10 8.32 2.29
N CYS A 54 -10.53 8.56 1.10
CA CYS A 54 -10.71 9.89 0.60
C CYS A 54 -12.20 10.16 0.44
N ASP A 1 -14.67 0.45 -4.98
CA ASP A 1 -15.21 0.30 -3.63
C ASP A 1 -16.24 1.36 -3.40
N GLY A 2 -16.77 1.43 -2.20
CA GLY A 2 -17.71 2.48 -1.86
C GLY A 2 -16.99 3.72 -1.43
N VAL A 3 -15.96 3.52 -0.65
CA VAL A 3 -15.12 4.60 -0.20
C VAL A 3 -14.06 4.84 -1.24
N LYS A 4 -13.76 6.09 -1.51
CA LYS A 4 -12.73 6.43 -2.45
C LYS A 4 -11.39 6.30 -1.78
N LEU A 5 -10.60 5.40 -2.26
CA LEU A 5 -9.31 5.20 -1.71
C LEU A 5 -8.26 5.68 -2.67
N CYS A 6 -7.33 6.37 -2.14
CA CYS A 6 -6.25 6.90 -2.91
C CYS A 6 -5.01 6.07 -2.61
N ASP A 7 -4.33 5.66 -3.65
CA ASP A 7 -3.14 4.85 -3.50
C ASP A 7 -1.98 5.72 -3.06
N VAL A 8 -1.57 5.56 -1.82
CA VAL A 8 -0.49 6.34 -1.28
C VAL A 8 0.78 5.49 -1.24
N PRO A 9 1.87 5.96 -1.89
CA PRO A 9 3.15 5.25 -1.93
C PRO A 9 3.62 4.86 -0.53
N SER A 10 3.73 3.59 -0.28
CA SER A 10 4.13 3.11 1.00
C SER A 10 5.62 3.35 1.21
N GLY A 11 5.93 4.34 2.04
CA GLY A 11 7.31 4.65 2.35
C GLY A 11 7.89 3.58 3.25
N THR A 12 7.00 2.90 3.95
CA THR A 12 7.36 1.80 4.80
C THR A 12 7.86 0.60 3.98
N TRP A 13 7.38 0.49 2.76
CA TRP A 13 7.75 -0.62 1.92
C TRP A 13 9.01 -0.27 1.15
N SER A 14 9.88 -1.23 0.99
CA SER A 14 11.11 -1.01 0.29
C SER A 14 11.27 -2.07 -0.81
N GLY A 15 11.24 -1.64 -2.04
CA GLY A 15 11.47 -2.55 -3.13
C GLY A 15 10.22 -2.95 -3.86
N HIS A 16 10.27 -4.11 -4.49
CA HIS A 16 9.18 -4.66 -5.26
C HIS A 16 8.10 -5.25 -4.35
N CYS A 17 6.88 -4.91 -4.64
CA CYS A 17 5.74 -5.42 -3.93
C CYS A 17 5.32 -6.71 -4.58
N GLY A 18 5.78 -7.80 -4.02
CA GLY A 18 5.39 -9.09 -4.52
C GLY A 18 4.38 -9.71 -3.61
N SER A 19 4.54 -9.47 -2.34
CA SER A 19 3.65 -9.94 -1.35
C SER A 19 2.60 -8.87 -1.03
N SER A 20 1.44 -8.99 -1.64
CA SER A 20 0.36 -8.05 -1.48
C SER A 20 -0.13 -8.01 -0.02
N SER A 21 -0.11 -9.17 0.63
CA SER A 21 -0.55 -9.27 2.00
C SER A 21 0.43 -8.57 2.94
N LYS A 22 1.72 -8.65 2.63
CA LYS A 22 2.71 -7.96 3.44
C LYS A 22 2.64 -6.47 3.22
N CYS A 23 2.37 -6.09 1.98
CA CYS A 23 2.17 -4.69 1.60
C CYS A 23 1.15 -4.02 2.51
N SER A 24 -0.02 -4.60 2.55
CA SER A 24 -1.08 -4.09 3.33
C SER A 24 -0.80 -4.18 4.83
N GLN A 25 -0.47 -5.38 5.28
CA GLN A 25 -0.24 -5.67 6.67
C GLN A 25 0.83 -4.79 7.26
N GLN A 26 1.93 -4.61 6.56
CA GLN A 26 3.06 -3.84 7.08
C GLN A 26 2.70 -2.39 7.37
N CYS A 27 2.14 -1.69 6.40
CA CYS A 27 1.89 -0.28 6.64
C CYS A 27 0.72 -0.07 7.59
N LYS A 28 -0.24 -1.00 7.51
CA LYS A 28 -1.41 -1.01 8.39
C LYS A 28 -1.00 -1.33 9.83
N ASP A 29 -0.11 -2.30 9.98
CA ASP A 29 0.43 -2.70 11.28
C ASP A 29 1.20 -1.55 11.89
N ARG A 30 1.94 -0.84 11.04
CA ARG A 30 2.66 0.33 11.44
C ARG A 30 1.70 1.41 11.95
N GLU A 31 1.11 2.17 11.03
CA GLU A 31 0.19 3.31 11.32
C GLU A 31 -0.26 3.91 10.02
N HIS A 32 -1.25 3.35 9.41
CA HIS A 32 -1.77 3.88 8.17
C HIS A 32 -3.27 3.82 8.11
N PHE A 33 -3.79 2.78 7.48
CA PHE A 33 -5.20 2.66 7.24
C PHE A 33 -5.59 1.20 7.30
N ALA A 34 -6.79 0.91 7.80
CA ALA A 34 -7.29 -0.45 7.97
C ALA A 34 -7.47 -1.15 6.64
N TYR A 35 -7.55 -0.36 5.58
CA TYR A 35 -7.69 -0.86 4.22
C TYR A 35 -6.41 -1.57 3.78
N GLY A 36 -5.31 -1.22 4.40
CA GLY A 36 -4.07 -1.81 4.04
C GLY A 36 -3.52 -1.20 2.78
N GLY A 37 -3.33 -1.99 1.77
CA GLY A 37 -2.76 -1.52 0.56
C GLY A 37 -2.72 -2.59 -0.48
N ALA A 38 -2.15 -2.26 -1.60
CA ALA A 38 -2.02 -3.16 -2.70
C ALA A 38 -0.78 -2.81 -3.51
N CYS A 39 -0.34 -3.72 -4.33
CA CYS A 39 0.84 -3.51 -5.14
C CYS A 39 0.47 -2.75 -6.41
N HIS A 40 1.17 -1.67 -6.68
CA HIS A 40 0.92 -0.82 -7.84
C HIS A 40 2.28 -0.36 -8.40
N TYR A 41 2.39 -0.23 -9.70
CA TYR A 41 3.69 0.07 -10.31
C TYR A 41 3.95 1.57 -10.35
N GLN A 42 5.07 1.97 -9.81
CA GLN A 42 5.51 3.34 -9.91
C GLN A 42 6.95 3.42 -10.30
N PHE A 43 7.79 3.32 -9.34
CA PHE A 43 9.21 3.43 -9.55
C PHE A 43 9.93 2.77 -8.38
N PRO A 44 10.98 1.97 -8.64
CA PRO A 44 11.40 1.61 -9.99
C PRO A 44 10.68 0.35 -10.47
N SER A 45 10.02 -0.28 -9.53
CA SER A 45 9.36 -1.54 -9.71
C SER A 45 7.95 -1.42 -9.16
N VAL A 46 7.21 -2.53 -9.20
CA VAL A 46 5.91 -2.58 -8.54
C VAL A 46 6.12 -2.25 -7.07
N LYS A 47 5.45 -1.25 -6.60
CA LYS A 47 5.65 -0.74 -5.28
C LYS A 47 4.38 -0.95 -4.47
N CYS A 48 4.48 -0.93 -3.18
CA CYS A 48 3.33 -1.06 -2.33
C CYS A 48 2.67 0.28 -2.15
N PHE A 49 1.38 0.31 -2.31
CA PHE A 49 0.59 1.49 -2.13
C PHE A 49 -0.49 1.22 -1.15
N CYS A 50 -0.47 1.91 -0.06
CA CYS A 50 -1.47 1.76 0.94
C CYS A 50 -2.68 2.54 0.48
N LYS A 51 -3.85 2.06 0.74
CA LYS A 51 -5.02 2.74 0.27
C LYS A 51 -5.59 3.65 1.32
N ARG A 52 -5.41 4.93 1.10
CA ARG A 52 -5.85 5.90 2.04
C ARG A 52 -7.27 6.31 1.81
N GLN A 53 -7.95 6.49 2.89
CA GLN A 53 -9.34 6.84 2.92
C GLN A 53 -9.48 8.30 2.52
N CYS A 54 -10.13 8.53 1.42
CA CYS A 54 -10.30 9.86 0.94
C CYS A 54 -11.78 10.22 0.95
N ASP A 1 -13.75 0.34 -5.21
CA ASP A 1 -15.09 -0.21 -5.26
C ASP A 1 -15.91 0.39 -4.15
N GLY A 2 -16.89 1.21 -4.50
CA GLY A 2 -17.75 1.85 -3.53
C GLY A 2 -17.10 3.03 -2.86
N VAL A 3 -16.11 2.75 -2.04
CA VAL A 3 -15.39 3.77 -1.33
C VAL A 3 -14.21 4.23 -2.18
N LYS A 4 -13.92 5.50 -2.17
CA LYS A 4 -12.84 6.02 -2.96
C LYS A 4 -11.60 6.11 -2.11
N LEU A 5 -10.56 5.47 -2.55
CA LEU A 5 -9.35 5.41 -1.80
C LEU A 5 -8.28 6.15 -2.56
N CYS A 6 -7.23 6.49 -1.87
CA CYS A 6 -6.11 7.17 -2.43
C CYS A 6 -4.87 6.35 -2.14
N ASP A 7 -4.21 5.87 -3.18
CA ASP A 7 -3.02 5.04 -3.05
C ASP A 7 -1.82 5.89 -2.65
N VAL A 8 -1.45 5.81 -1.40
CA VAL A 8 -0.36 6.61 -0.86
C VAL A 8 0.88 5.74 -0.70
N PRO A 9 1.97 6.06 -1.40
CA PRO A 9 3.20 5.27 -1.34
C PRO A 9 3.85 5.33 0.02
N SER A 10 4.18 4.20 0.56
CA SER A 10 4.79 4.11 1.83
C SER A 10 6.31 3.95 1.73
N GLY A 11 7.01 4.74 2.52
CA GLY A 11 8.46 4.66 2.59
C GLY A 11 8.88 3.64 3.62
N THR A 12 7.90 3.16 4.35
CA THR A 12 8.09 2.15 5.35
C THR A 12 8.27 0.77 4.70
N TRP A 13 7.75 0.63 3.50
CA TRP A 13 7.91 -0.58 2.74
C TRP A 13 9.15 -0.42 1.88
N SER A 14 9.96 -1.44 1.84
CA SER A 14 11.19 -1.41 1.11
C SER A 14 11.09 -2.13 -0.25
N GLY A 15 11.18 -1.36 -1.32
CA GLY A 15 11.31 -1.92 -2.64
C GLY A 15 10.03 -2.43 -3.28
N HIS A 16 10.10 -3.66 -3.72
CA HIS A 16 9.08 -4.30 -4.54
C HIS A 16 7.94 -4.88 -3.69
N CYS A 17 6.75 -4.80 -4.22
CA CYS A 17 5.56 -5.36 -3.61
C CYS A 17 5.09 -6.52 -4.45
N GLY A 18 5.27 -7.71 -3.96
CA GLY A 18 4.75 -8.87 -4.63
C GLY A 18 3.62 -9.47 -3.85
N SER A 19 3.72 -9.35 -2.57
CA SER A 19 2.75 -9.84 -1.66
C SER A 19 1.82 -8.71 -1.19
N SER A 20 0.61 -8.69 -1.74
CA SER A 20 -0.33 -7.64 -1.46
C SER A 20 -0.86 -7.73 -0.03
N SER A 21 -0.99 -8.94 0.48
CA SER A 21 -1.43 -9.16 1.83
C SER A 21 -0.33 -8.69 2.79
N LYS A 22 0.92 -8.97 2.46
CA LYS A 22 2.04 -8.54 3.30
C LYS A 22 2.16 -7.03 3.28
N CYS A 23 1.98 -6.47 2.11
CA CYS A 23 1.95 -5.02 1.90
C CYS A 23 0.96 -4.37 2.85
N SER A 24 -0.28 -4.81 2.80
CA SER A 24 -1.29 -4.28 3.66
C SER A 24 -1.04 -4.59 5.12
N GLN A 25 -0.72 -5.83 5.44
CA GLN A 25 -0.47 -6.20 6.81
C GLN A 25 0.69 -5.41 7.42
N GLN A 26 1.80 -5.29 6.71
CA GLN A 26 3.00 -4.60 7.24
C GLN A 26 2.74 -3.11 7.41
N CYS A 27 2.14 -2.51 6.42
CA CYS A 27 1.89 -1.09 6.40
C CYS A 27 0.84 -0.70 7.49
N LYS A 28 -0.20 -1.51 7.55
CA LYS A 28 -1.29 -1.34 8.49
C LYS A 28 -0.88 -1.77 9.90
N ASP A 29 0.16 -2.59 9.98
CA ASP A 29 0.73 -2.98 11.27
C ASP A 29 1.61 -1.86 11.78
N ARG A 30 2.27 -1.21 10.83
CA ARG A 30 3.13 -0.14 11.11
C ARG A 30 2.37 1.08 11.68
N GLU A 31 1.57 1.77 10.84
CA GLU A 31 0.86 3.00 11.32
C GLU A 31 -0.03 3.64 10.26
N HIS A 32 -0.27 2.96 9.19
CA HIS A 32 -0.85 3.64 8.06
C HIS A 32 -2.37 3.66 8.00
N PHE A 33 -2.99 2.74 7.30
CA PHE A 33 -4.44 2.82 7.08
C PHE A 33 -5.08 1.45 7.12
N ALA A 34 -6.39 1.40 7.26
CA ALA A 34 -7.13 0.14 7.32
C ALA A 34 -7.11 -0.54 5.94
N TYR A 35 -7.11 0.27 4.90
CA TYR A 35 -6.98 -0.23 3.53
C TYR A 35 -5.51 -0.11 3.14
N GLY A 36 -4.67 0.01 4.16
CA GLY A 36 -3.29 0.35 4.00
C GLY A 36 -2.39 -0.67 3.38
N GLY A 37 -2.56 -0.93 2.11
CA GLY A 37 -1.58 -1.66 1.38
C GLY A 37 -2.12 -2.41 0.21
N ALA A 38 -1.58 -2.10 -0.94
CA ALA A 38 -1.86 -2.75 -2.16
C ALA A 38 -0.65 -2.58 -3.06
N CYS A 39 -0.33 -3.57 -3.83
CA CYS A 39 0.77 -3.46 -4.75
C CYS A 39 0.34 -2.61 -5.92
N HIS A 40 1.01 -1.53 -6.13
CA HIS A 40 0.66 -0.60 -7.16
C HIS A 40 1.92 -0.32 -7.97
N TYR A 41 1.81 -0.40 -9.27
CA TYR A 41 2.95 -0.17 -10.12
C TYR A 41 3.41 1.28 -10.06
N GLN A 42 4.67 1.43 -9.90
CA GLN A 42 5.32 2.67 -9.90
C GLN A 42 6.50 2.47 -10.80
N PHE A 43 7.03 3.51 -11.35
CA PHE A 43 8.20 3.35 -12.14
C PHE A 43 9.40 3.32 -11.20
N PRO A 44 10.32 2.35 -11.35
CA PRO A 44 10.24 1.27 -12.34
C PRO A 44 9.73 -0.07 -11.75
N SER A 45 9.39 -0.07 -10.49
CA SER A 45 9.01 -1.28 -9.83
C SER A 45 7.68 -1.14 -9.06
N VAL A 46 6.95 -2.24 -8.97
CA VAL A 46 5.70 -2.30 -8.24
C VAL A 46 5.99 -2.12 -6.75
N LYS A 47 5.40 -1.13 -6.14
CA LYS A 47 5.67 -0.85 -4.75
C LYS A 47 4.36 -0.88 -3.94
N CYS A 48 4.48 -0.91 -2.65
CA CYS A 48 3.36 -0.99 -1.74
C CYS A 48 2.78 0.40 -1.52
N PHE A 49 1.59 0.60 -2.02
CA PHE A 49 0.86 1.81 -1.84
C PHE A 49 -0.26 1.55 -0.89
N CYS A 50 -0.29 2.27 0.13
CA CYS A 50 -1.26 2.09 1.14
C CYS A 50 -2.40 3.02 0.89
N LYS A 51 -3.52 2.42 0.56
CA LYS A 51 -4.71 3.12 0.22
C LYS A 51 -5.34 3.73 1.45
N ARG A 52 -5.46 5.01 1.46
CA ARG A 52 -6.18 5.67 2.50
C ARG A 52 -7.59 5.88 2.05
N GLN A 53 -8.49 5.99 2.96
CA GLN A 53 -9.86 6.22 2.63
C GLN A 53 -10.04 7.72 2.39
N CYS A 54 -10.65 8.05 1.30
CA CYS A 54 -10.89 9.43 0.98
C CYS A 54 -12.38 9.65 0.81
N ASP A 1 -17.86 -0.29 1.05
CA ASP A 1 -18.94 0.71 1.17
C ASP A 1 -19.10 1.46 -0.13
N GLY A 2 -18.11 2.25 -0.44
CA GLY A 2 -18.14 3.07 -1.62
C GLY A 2 -17.28 4.27 -1.43
N VAL A 3 -16.15 4.05 -0.83
CA VAL A 3 -15.26 5.12 -0.48
C VAL A 3 -14.21 5.33 -1.57
N LYS A 4 -13.87 6.57 -1.83
CA LYS A 4 -12.88 6.90 -2.81
C LYS A 4 -11.52 6.72 -2.18
N LEU A 5 -10.81 5.71 -2.57
CA LEU A 5 -9.52 5.48 -2.01
C LEU A 5 -8.45 6.05 -2.91
N CYS A 6 -7.41 6.52 -2.31
CA CYS A 6 -6.30 7.09 -3.02
C CYS A 6 -5.06 6.26 -2.75
N ASP A 7 -4.25 6.04 -3.77
CA ASP A 7 -3.06 5.21 -3.67
C ASP A 7 -1.89 6.01 -3.13
N VAL A 8 -1.49 5.70 -1.93
CA VAL A 8 -0.39 6.37 -1.26
C VAL A 8 0.77 5.40 -1.13
N PRO A 9 1.95 5.74 -1.68
CA PRO A 9 3.13 4.87 -1.59
C PRO A 9 3.46 4.51 -0.15
N SER A 10 3.47 3.22 0.13
CA SER A 10 3.73 2.71 1.45
C SER A 10 5.18 3.01 1.86
N GLY A 11 5.34 4.00 2.72
CA GLY A 11 6.66 4.40 3.18
C GLY A 11 7.25 3.41 4.14
N THR A 12 6.41 2.65 4.78
CA THR A 12 6.84 1.68 5.73
C THR A 12 7.01 0.30 5.09
N TRP A 13 7.04 0.28 3.78
CA TRP A 13 7.31 -0.90 3.01
C TRP A 13 8.66 -0.73 2.35
N SER A 14 9.49 -1.72 2.42
CA SER A 14 10.82 -1.63 1.90
C SER A 14 10.90 -2.11 0.44
N GLY A 15 10.96 -1.15 -0.47
CA GLY A 15 11.23 -1.41 -1.87
C GLY A 15 10.16 -2.16 -2.63
N HIS A 16 10.57 -3.27 -3.22
CA HIS A 16 9.75 -4.06 -4.10
C HIS A 16 8.60 -4.73 -3.37
N CYS A 17 7.45 -4.61 -3.94
CA CYS A 17 6.25 -5.22 -3.44
C CYS A 17 6.10 -6.54 -4.12
N GLY A 18 6.51 -7.59 -3.45
CA GLY A 18 6.35 -8.90 -4.03
C GLY A 18 5.14 -9.58 -3.46
N SER A 19 4.95 -9.45 -2.18
CA SER A 19 3.79 -9.97 -1.55
C SER A 19 2.83 -8.84 -1.25
N SER A 20 1.74 -8.82 -1.97
CA SER A 20 0.71 -7.83 -1.84
C SER A 20 0.09 -7.91 -0.44
N SER A 21 -0.04 -9.12 0.09
CA SER A 21 -0.63 -9.35 1.39
C SER A 21 0.31 -8.81 2.49
N LYS A 22 1.59 -9.03 2.33
CA LYS A 22 2.55 -8.58 3.31
C LYS A 22 2.71 -7.09 3.30
N CYS A 23 2.70 -6.48 2.12
CA CYS A 23 2.92 -5.05 2.04
C CYS A 23 1.77 -4.31 2.70
N SER A 24 0.57 -4.77 2.43
CA SER A 24 -0.62 -4.18 2.97
C SER A 24 -0.68 -4.34 4.48
N GLN A 25 -0.50 -5.58 4.94
CA GLN A 25 -0.53 -5.88 6.37
C GLN A 25 0.54 -5.09 7.13
N GLN A 26 1.75 -5.03 6.57
CA GLN A 26 2.86 -4.32 7.22
C GLN A 26 2.59 -2.82 7.27
N CYS A 27 2.16 -2.28 6.15
CA CYS A 27 1.83 -0.85 5.99
C CYS A 27 0.77 -0.44 7.04
N LYS A 28 -0.29 -1.23 7.06
CA LYS A 28 -1.44 -1.10 7.94
C LYS A 28 -1.02 -1.22 9.41
N ASP A 29 -0.35 -2.32 9.73
CA ASP A 29 0.11 -2.64 11.08
C ASP A 29 1.01 -1.57 11.63
N ARG A 30 1.83 -1.02 10.78
CA ARG A 30 2.76 -0.03 11.17
C ARG A 30 2.10 1.34 11.40
N GLU A 31 1.71 2.05 10.34
CA GLU A 31 1.28 3.48 10.51
C GLU A 31 0.37 3.98 9.37
N HIS A 32 -0.39 3.11 8.74
CA HIS A 32 -1.16 3.58 7.62
C HIS A 32 -2.66 3.48 7.75
N PHE A 33 -3.27 2.57 6.99
CA PHE A 33 -4.73 2.54 6.89
C PHE A 33 -5.23 1.11 6.94
N ALA A 34 -6.45 0.93 7.45
CA ALA A 34 -7.05 -0.39 7.65
C ALA A 34 -7.51 -1.01 6.32
N TYR A 35 -7.36 -0.25 5.25
CA TYR A 35 -7.68 -0.73 3.92
C TYR A 35 -6.47 -1.42 3.31
N GLY A 36 -5.33 -1.28 3.96
CA GLY A 36 -4.12 -1.89 3.45
C GLY A 36 -3.68 -1.24 2.17
N GLY A 37 -3.25 -2.04 1.24
CA GLY A 37 -2.73 -1.56 0.01
C GLY A 37 -2.51 -2.69 -0.94
N ALA A 38 -1.90 -2.40 -2.05
CA ALA A 38 -1.63 -3.38 -3.06
C ALA A 38 -0.36 -3.00 -3.80
N CYS A 39 0.15 -3.91 -4.58
CA CYS A 39 1.34 -3.67 -5.35
C CYS A 39 0.96 -2.95 -6.63
N HIS A 40 1.62 -1.87 -6.92
CA HIS A 40 1.37 -1.11 -8.11
C HIS A 40 2.72 -0.78 -8.74
N TYR A 41 2.79 -0.77 -10.05
CA TYR A 41 4.05 -0.49 -10.70
C TYR A 41 4.32 0.99 -10.72
N GLN A 42 5.50 1.35 -10.40
CA GLN A 42 5.98 2.67 -10.46
C GLN A 42 7.42 2.54 -10.85
N PHE A 43 8.03 3.57 -11.34
CA PHE A 43 9.42 3.48 -11.66
C PHE A 43 10.21 3.47 -10.34
N PRO A 44 11.22 2.60 -10.18
CA PRO A 44 11.65 1.62 -11.15
C PRO A 44 11.29 0.16 -10.76
N SER A 45 10.30 -0.01 -9.90
CA SER A 45 9.93 -1.32 -9.41
C SER A 45 8.52 -1.28 -8.88
N VAL A 46 7.90 -2.44 -8.84
CA VAL A 46 6.57 -2.59 -8.31
C VAL A 46 6.64 -2.32 -6.81
N LYS A 47 5.94 -1.32 -6.36
CA LYS A 47 5.98 -0.95 -4.98
C LYS A 47 4.58 -0.97 -4.40
N CYS A 48 4.45 -0.94 -3.12
CA CYS A 48 3.13 -1.04 -2.52
C CYS A 48 2.56 0.34 -2.33
N PHE A 49 1.29 0.45 -2.59
CA PHE A 49 0.55 1.65 -2.44
C PHE A 49 -0.64 1.36 -1.56
N CYS A 50 -0.72 2.04 -0.45
CA CYS A 50 -1.78 1.86 0.47
C CYS A 50 -2.92 2.80 0.19
N LYS A 51 -4.11 2.32 0.41
CA LYS A 51 -5.33 3.01 0.05
C LYS A 51 -5.86 3.84 1.20
N ARG A 52 -5.90 5.14 1.01
CA ARG A 52 -6.47 6.01 2.04
C ARG A 52 -7.84 6.48 1.62
N GLN A 53 -8.68 6.75 2.59
CA GLN A 53 -10.01 7.24 2.35
C GLN A 53 -9.97 8.71 2.01
N CYS A 54 -10.39 9.04 0.84
CA CYS A 54 -10.49 10.42 0.43
C CYS A 54 -11.96 10.79 0.35
#